data_9KWW
#
_entry.id   9KWW
#
_cell.length_a   183.942
_cell.length_b   66.217
_cell.length_c   99.310
_cell.angle_alpha   90.000
_cell.angle_beta   101.525
_cell.angle_gamma   90.000
#
_symmetry.space_group_name_H-M   'C 1 2 1'
#
loop_
_entity.id
_entity.type
_entity.pdbx_description
1 polymer 'Tryptophan--tRNA ligase'
2 non-polymer '(6~{R})-7-thia-2-azatricyclo[6.3.1.0^{4,12}]dodeca-1(11),3,8(12),9-tetraene-6-carboxylic acid'
3 water water
#
_entity_poly.entity_id   1
_entity_poly.type   'polypeptide(L)'
_entity_poly.pdbx_seq_one_letter_code
;METLFSGIQPSGIPTIGNYIGALKQFVDVQNDYDCYFCIVDQHAITMPQDRLKLRKQTRQLAAIYLASGIDPDKATLFIQ
SEVPAHVQAGWMLTTIASVGELERMTQYKDKAQKAVEGIPAGLLTYPPLMAADIVLYNTNIVPVGDDQKQHIELTRNLVD
RFNSRYNDVLVKPEIRMPKVGGRVMSLQDPTRKMSKSDDNAKNFISLLDEPNVAAKKIKSAVTDSDGIIKFDRDNKPGIT
NLISIYAGLTDMPIKDIEAKYEGEGYGKFKGDLAEIVKAFLVEFQEKYESFYNSDKLDDILDQGRDKAHKVSFKTVKKME
KAMGLGRKRHHHHHH
;
_entity_poly.pdbx_strand_id   A,B,C
#
# COMPACT_ATOMS: atom_id res chain seq x y z
N MET A 1 -22.71 28.90 -12.52
CA MET A 1 -22.39 27.97 -11.44
C MET A 1 -22.43 26.55 -11.99
N GLU A 2 -21.46 25.71 -11.63
CA GLU A 2 -21.44 24.34 -12.13
C GLU A 2 -22.38 23.43 -11.35
N THR A 3 -22.94 22.44 -12.06
CA THR A 3 -23.79 21.42 -11.45
C THR A 3 -22.97 20.17 -11.13
N LEU A 4 -23.11 19.70 -9.89
CA LEU A 4 -22.50 18.47 -9.42
C LEU A 4 -23.58 17.42 -9.19
N PHE A 5 -23.30 16.17 -9.56
CA PHE A 5 -24.24 15.08 -9.32
C PHE A 5 -23.50 13.94 -8.65
N SER A 6 -24.01 13.50 -7.49
CA SER A 6 -23.44 12.38 -6.77
C SER A 6 -24.54 11.34 -6.53
N GLY A 7 -24.28 10.10 -6.94
CA GLY A 7 -25.19 8.99 -6.65
C GLY A 7 -24.80 8.31 -5.35
N ILE A 8 -25.81 8.01 -4.53
CA ILE A 8 -25.61 7.48 -3.18
C ILE A 8 -26.26 6.10 -3.08
N GLN A 9 -25.45 5.07 -2.88
CA GLN A 9 -25.96 3.70 -2.74
C GLN A 9 -26.65 3.51 -1.39
N PRO A 10 -27.93 3.12 -1.35
CA PRO A 10 -28.51 2.76 -0.04
C PRO A 10 -28.19 1.32 0.33
N SER A 11 -26.92 1.07 0.62
CA SER A 11 -26.49 -0.31 0.81
C SER A 11 -25.50 -0.45 1.97
N GLY A 12 -25.46 0.53 2.87
CA GLY A 12 -24.48 0.53 3.93
C GLY A 12 -24.29 1.92 4.50
N ILE A 13 -23.91 1.95 5.77
CA ILE A 13 -23.71 3.22 6.47
C ILE A 13 -22.33 3.78 6.11
N PRO A 14 -22.22 5.06 5.74
CA PRO A 14 -20.89 5.65 5.55
C PRO A 14 -20.09 5.62 6.84
N THR A 15 -18.78 5.45 6.69
CA THR A 15 -17.84 5.56 7.79
C THR A 15 -17.39 7.00 7.99
N ILE A 16 -16.62 7.20 9.06
CA ILE A 16 -16.01 8.49 9.29
C ILE A 16 -14.97 8.80 8.22
N GLY A 17 -14.43 7.77 7.55
CA GLY A 17 -13.62 8.02 6.36
C GLY A 17 -14.43 8.59 5.21
N ASN A 18 -15.62 8.06 4.97
CA ASN A 18 -16.50 8.65 3.97
C ASN A 18 -16.92 10.05 4.39
N TYR A 19 -17.10 10.27 5.69
CA TYR A 19 -17.44 11.61 6.15
C TYR A 19 -16.30 12.59 5.90
N ILE A 20 -15.07 12.19 6.25
CA ILE A 20 -13.94 13.10 6.10
C ILE A 20 -13.58 13.27 4.62
N GLY A 21 -13.62 12.17 3.86
CA GLY A 21 -13.26 12.25 2.46
C GLY A 21 -14.27 13.03 1.63
N ALA A 22 -15.56 12.81 1.87
CA ALA A 22 -16.58 13.34 0.97
C ALA A 22 -17.63 14.21 1.66
N LEU A 23 -18.34 13.63 2.64
CA LEU A 23 -19.59 14.24 3.11
C LEU A 23 -19.33 15.62 3.69
N LYS A 24 -18.30 15.75 4.50
CA LYS A 24 -17.95 17.04 5.07
C LYS A 24 -17.62 18.05 3.99
N GLN A 25 -16.94 17.61 2.93
CA GLN A 25 -16.63 18.53 1.84
C GLN A 25 -17.89 18.96 1.09
N PHE A 26 -18.85 18.04 0.91
CA PHE A 26 -20.12 18.38 0.28
C PHE A 26 -20.85 19.47 1.06
N VAL A 27 -20.76 19.43 2.38
CA VAL A 27 -21.42 20.43 3.21
C VAL A 27 -20.88 21.81 2.92
N ASP A 28 -19.63 21.90 2.45
CA ASP A 28 -19.09 23.20 2.06
C ASP A 28 -19.30 23.51 0.58
N VAL A 29 -19.10 22.54 -0.31
CA VAL A 29 -19.17 22.87 -1.73
C VAL A 29 -20.60 23.06 -2.21
N GLN A 30 -21.61 22.67 -1.40
CA GLN A 30 -23.00 22.92 -1.78
C GLN A 30 -23.33 24.41 -1.81
N ASN A 31 -22.46 25.26 -1.28
CA ASN A 31 -22.65 26.70 -1.43
C ASN A 31 -22.16 27.21 -2.79
N ASP A 32 -21.14 26.56 -3.36
CA ASP A 32 -20.49 27.05 -4.55
C ASP A 32 -20.81 26.25 -5.80
N TYR A 33 -21.60 25.19 -5.67
CA TYR A 33 -21.94 24.32 -6.78
C TYR A 33 -23.40 23.91 -6.62
N ASP A 34 -24.06 23.63 -7.74
CA ASP A 34 -25.47 23.22 -7.74
C ASP A 34 -25.52 21.71 -7.59
N CYS A 35 -25.74 21.21 -6.37
CA CYS A 35 -25.45 19.82 -6.03
C CYS A 35 -26.71 18.96 -6.01
N TYR A 36 -26.58 17.78 -6.62
CA TYR A 36 -27.62 16.76 -6.61
C TYR A 36 -27.10 15.54 -5.89
N PHE A 37 -27.80 15.12 -4.84
CA PHE A 37 -27.44 13.96 -4.04
C PHE A 37 -28.60 12.97 -4.16
N CYS A 38 -28.38 11.91 -4.94
CA CYS A 38 -29.44 11.02 -5.40
C CYS A 38 -29.24 9.64 -4.80
N ILE A 39 -30.19 9.20 -3.98
CA ILE A 39 -30.14 7.87 -3.38
C ILE A 39 -30.66 6.90 -4.44
N VAL A 40 -29.75 6.09 -4.97
CA VAL A 40 -30.03 5.33 -6.21
C VAL A 40 -30.59 3.98 -5.78
N ASP A 41 -31.88 3.96 -5.42
CA ASP A 41 -32.50 2.69 -5.05
C ASP A 41 -32.74 1.78 -6.25
N GLN A 42 -32.87 2.34 -7.45
CA GLN A 42 -33.03 1.54 -8.65
C GLN A 42 -31.73 0.87 -9.08
N HIS A 43 -30.58 1.49 -8.78
CA HIS A 43 -29.31 0.79 -8.94
C HIS A 43 -29.12 -0.28 -7.87
N ALA A 44 -29.63 -0.03 -6.67
CA ALA A 44 -29.43 -0.99 -5.57
C ALA A 44 -30.07 -2.34 -5.89
N ILE A 45 -31.21 -2.33 -6.58
CA ILE A 45 -31.89 -3.61 -6.84
C ILE A 45 -31.27 -4.38 -8.01
N THR A 46 -30.19 -3.86 -8.63
CA THR A 46 -29.47 -4.73 -9.55
C THR A 46 -28.75 -5.86 -8.82
N MET A 47 -28.48 -5.70 -7.54
CA MET A 47 -27.94 -6.66 -6.60
C MET A 47 -29.08 -7.30 -5.82
N PRO A 48 -28.86 -8.46 -5.20
CA PRO A 48 -29.94 -9.06 -4.40
C PRO A 48 -30.19 -8.22 -3.16
N GLN A 49 -31.44 -7.86 -2.94
CA GLN A 49 -31.79 -6.97 -1.84
C GLN A 49 -32.94 -7.53 -1.04
N ASP A 50 -32.85 -7.39 0.27
CA ASP A 50 -34.01 -7.58 1.12
C ASP A 50 -34.84 -6.30 1.11
N ARG A 51 -36.14 -6.44 0.81
CA ARG A 51 -36.97 -5.28 0.53
C ARG A 51 -37.26 -4.41 1.77
N LEU A 52 -37.24 -4.97 2.99
CA LEU A 52 -37.35 -4.05 4.12
C LEU A 52 -36.00 -3.46 4.49
N LYS A 53 -34.94 -4.25 4.36
CA LYS A 53 -33.59 -3.74 4.49
C LYS A 53 -33.35 -2.55 3.57
N LEU A 54 -33.95 -2.57 2.37
CA LEU A 54 -33.66 -1.55 1.36
C LEU A 54 -34.39 -0.26 1.68
N ARG A 55 -35.69 -0.34 1.98
CA ARG A 55 -36.44 0.87 2.27
C ARG A 55 -35.88 1.57 3.52
N LYS A 56 -35.47 0.79 4.53
CA LYS A 56 -34.88 1.36 5.73
C LYS A 56 -33.53 2.00 5.43
N GLN A 57 -32.69 1.32 4.66
CA GLN A 57 -31.40 1.87 4.27
C GLN A 57 -31.55 3.20 3.55
N THR A 58 -32.52 3.29 2.64
CA THR A 58 -32.75 4.54 1.92
C THR A 58 -33.03 5.69 2.89
N ARG A 59 -33.93 5.48 3.85
CA ARG A 59 -34.22 6.53 4.82
C ARG A 59 -32.99 6.85 5.65
N GLN A 60 -32.21 5.82 5.96
CA GLN A 60 -31.03 6.00 6.79
C GLN A 60 -30.00 6.88 6.09
N LEU A 61 -29.76 6.62 4.81
CA LEU A 61 -28.80 7.44 4.07
C LEU A 61 -29.29 8.88 3.98
N ALA A 62 -30.59 9.07 3.73
CA ALA A 62 -31.13 10.42 3.70
C ALA A 62 -30.86 11.14 5.00
N ALA A 63 -31.14 10.46 6.12
CA ALA A 63 -30.92 11.04 7.43
C ALA A 63 -29.45 11.31 7.68
N ILE A 64 -28.56 10.40 7.24
CA ILE A 64 -27.12 10.61 7.45
C ILE A 64 -26.62 11.83 6.68
N TYR A 65 -27.13 12.03 5.47
CA TYR A 65 -26.70 13.17 4.66
C TYR A 65 -27.20 14.47 5.27
N LEU A 66 -28.43 14.48 5.76
CA LEU A 66 -28.95 15.65 6.44
C LEU A 66 -28.23 15.89 7.76
N ALA A 67 -27.96 14.84 8.52
CA ALA A 67 -27.23 15.02 9.77
C ALA A 67 -25.84 15.57 9.52
N SER A 68 -25.24 15.26 8.36
CA SER A 68 -23.92 15.77 8.03
C SER A 68 -23.92 17.26 7.76
N GLY A 69 -25.08 17.86 7.49
CA GLY A 69 -25.15 19.24 7.09
C GLY A 69 -25.57 19.45 5.65
N ILE A 70 -25.88 18.39 4.90
CA ILE A 70 -26.39 18.58 3.55
C ILE A 70 -27.74 19.30 3.65
N ASP A 71 -27.86 20.41 2.94
CA ASP A 71 -28.95 21.34 3.16
C ASP A 71 -29.95 21.21 2.03
N PRO A 72 -31.19 20.77 2.29
CA PRO A 72 -32.14 20.49 1.19
C PRO A 72 -32.58 21.72 0.41
N ASP A 73 -32.30 22.92 0.89
CA ASP A 73 -32.55 24.10 0.08
C ASP A 73 -31.35 24.44 -0.79
N LYS A 74 -30.13 24.33 -0.26
CA LYS A 74 -28.94 24.58 -1.06
C LYS A 74 -28.72 23.49 -2.11
N ALA A 75 -28.92 22.23 -1.73
CA ALA A 75 -28.70 21.07 -2.58
C ALA A 75 -30.03 20.36 -2.83
N THR A 76 -30.02 19.40 -3.75
CA THR A 76 -31.19 18.62 -4.08
C THR A 76 -30.91 17.19 -3.66
N LEU A 77 -31.59 16.74 -2.61
CA LEU A 77 -31.44 15.44 -2.00
C LEU A 77 -32.71 14.67 -2.27
N PHE A 78 -32.61 13.59 -3.06
CA PHE A 78 -33.82 12.89 -3.46
C PHE A 78 -33.54 11.41 -3.68
N ILE A 79 -34.64 10.66 -3.84
CA ILE A 79 -34.61 9.23 -4.09
C ILE A 79 -34.85 8.97 -5.57
N GLN A 80 -33.94 8.23 -6.19
CA GLN A 80 -33.96 7.99 -7.63
C GLN A 80 -35.31 7.48 -8.15
N SER A 81 -35.87 6.42 -7.52
CA SER A 81 -37.10 5.83 -8.06
C SER A 81 -38.29 6.77 -8.02
N GLU A 82 -38.21 7.85 -7.25
CA GLU A 82 -39.30 8.80 -7.14
C GLU A 82 -39.31 9.82 -8.26
N VAL A 83 -38.36 9.74 -9.18
CA VAL A 83 -38.21 10.67 -10.29
C VAL A 83 -38.16 9.85 -11.57
N PRO A 84 -39.30 9.71 -12.27
CA PRO A 84 -39.39 8.77 -13.40
C PRO A 84 -38.43 9.05 -14.51
N ALA A 85 -37.93 10.28 -14.60
CA ALA A 85 -37.04 10.65 -15.70
C ALA A 85 -35.82 9.74 -15.74
N HIS A 86 -35.37 9.27 -14.59
CA HIS A 86 -34.18 8.43 -14.56
C HIS A 86 -34.34 7.17 -15.41
N VAL A 87 -35.45 6.42 -15.24
CA VAL A 87 -35.60 5.24 -16.10
C VAL A 87 -36.09 5.64 -17.50
N GLN A 88 -36.76 6.76 -17.65
CA GLN A 88 -37.13 7.21 -18.99
C GLN A 88 -35.90 7.49 -19.85
N ALA A 89 -35.00 8.33 -19.33
CA ALA A 89 -33.77 8.64 -20.03
C ALA A 89 -32.84 7.43 -20.05
N GLY A 90 -32.89 6.58 -19.01
CA GLY A 90 -32.05 5.40 -19.00
C GLY A 90 -32.39 4.45 -20.13
N TRP A 91 -33.67 4.30 -20.43
CA TRP A 91 -34.10 3.49 -21.56
C TRP A 91 -33.71 4.12 -22.89
N MET A 92 -33.88 5.44 -23.01
CA MET A 92 -33.46 6.09 -24.26
C MET A 92 -31.98 5.86 -24.51
N LEU A 93 -31.13 5.98 -23.49
CA LEU A 93 -29.70 5.83 -23.73
C LEU A 93 -29.33 4.37 -23.94
N THR A 94 -30.07 3.44 -23.31
CA THR A 94 -29.87 2.02 -23.57
C THR A 94 -29.99 1.72 -25.06
N THR A 95 -30.96 2.35 -25.73
CA THR A 95 -31.20 1.99 -27.13
C THR A 95 -30.03 2.42 -28.02
N ILE A 96 -29.23 3.39 -27.59
CA ILE A 96 -28.08 3.80 -28.40
C ILE A 96 -26.77 3.18 -27.93
N ALA A 97 -26.74 2.60 -26.73
CA ALA A 97 -25.58 1.81 -26.33
C ALA A 97 -25.51 0.52 -27.14
N SER A 98 -24.33 -0.11 -27.16
CA SER A 98 -24.16 -1.41 -27.79
C SER A 98 -24.00 -2.49 -26.73
N VAL A 99 -24.43 -3.71 -27.07
CA VAL A 99 -24.26 -4.83 -26.14
C VAL A 99 -22.79 -5.02 -25.81
N GLY A 100 -21.94 -5.00 -26.84
CA GLY A 100 -20.51 -5.07 -26.62
C GLY A 100 -20.03 -4.05 -25.61
N GLU A 101 -20.44 -2.79 -25.77
CA GLU A 101 -20.05 -1.76 -24.82
C GLU A 101 -20.47 -2.13 -23.41
N LEU A 102 -21.72 -2.57 -23.25
CA LEU A 102 -22.19 -2.89 -21.91
C LEU A 102 -21.42 -4.07 -21.34
N GLU A 103 -21.15 -5.07 -22.17
CA GLU A 103 -20.41 -6.23 -21.72
C GLU A 103 -19.01 -5.86 -21.23
N ARG A 104 -18.32 -4.95 -21.94
CA ARG A 104 -16.98 -4.54 -21.52
C ARG A 104 -17.01 -3.77 -20.20
N MET A 105 -18.14 -3.11 -19.88
CA MET A 105 -18.29 -2.51 -18.56
C MET A 105 -18.28 -3.58 -17.47
N THR A 106 -18.96 -4.70 -17.72
CA THR A 106 -19.08 -5.75 -16.69
C THR A 106 -17.73 -6.36 -16.35
N GLN A 107 -16.73 -6.16 -17.20
CA GLN A 107 -15.39 -6.69 -16.98
C GLN A 107 -14.51 -5.74 -16.16
N TYR A 108 -14.29 -4.53 -16.67
CA TYR A 108 -13.47 -3.54 -15.98
C TYR A 108 -13.86 -3.38 -14.52
N GLU A 117 -29.03 -19.44 -10.72
CA GLU A 117 -30.09 -18.93 -11.57
C GLU A 117 -29.55 -18.37 -12.90
N GLY A 118 -28.43 -17.65 -12.82
CA GLY A 118 -27.91 -16.94 -13.97
C GLY A 118 -27.49 -15.54 -13.53
N ILE A 119 -26.92 -14.75 -14.43
CA ILE A 119 -26.40 -13.42 -14.09
C ILE A 119 -27.53 -12.41 -14.23
N PRO A 120 -27.97 -11.77 -13.15
CA PRO A 120 -29.08 -10.82 -13.24
C PRO A 120 -28.78 -9.76 -14.28
N ALA A 121 -29.78 -9.49 -15.12
CA ALA A 121 -29.59 -8.58 -16.24
C ALA A 121 -29.30 -7.15 -15.80
N GLY A 122 -29.70 -6.75 -14.59
CA GLY A 122 -29.42 -5.39 -14.16
C GLY A 122 -27.94 -5.11 -14.07
N LEU A 123 -27.14 -6.16 -13.80
CA LEU A 123 -25.71 -6.03 -13.68
C LEU A 123 -25.06 -5.72 -15.02
N LEU A 124 -25.76 -5.95 -16.13
CA LEU A 124 -25.27 -5.60 -17.44
C LEU A 124 -25.83 -4.28 -17.95
N THR A 125 -27.09 -3.99 -17.62
CA THR A 125 -27.80 -2.88 -18.23
C THR A 125 -27.84 -1.61 -17.39
N TYR A 126 -27.30 -1.63 -16.18
CA TYR A 126 -27.37 -0.41 -15.35
C TYR A 126 -26.53 0.77 -15.89
N PRO A 127 -25.42 0.61 -16.65
CA PRO A 127 -24.59 1.80 -17.00
C PRO A 127 -25.37 2.89 -17.72
N PRO A 128 -26.24 2.60 -18.68
CA PRO A 128 -26.99 3.71 -19.30
C PRO A 128 -27.93 4.41 -18.34
N LEU A 129 -28.40 3.72 -17.29
CA LEU A 129 -29.17 4.40 -16.25
C LEU A 129 -28.29 5.30 -15.39
N MET A 130 -27.06 4.88 -15.12
CA MET A 130 -26.09 5.76 -14.49
C MET A 130 -25.86 7.00 -15.32
N ALA A 131 -25.65 6.82 -16.63
CA ALA A 131 -25.47 7.97 -17.50
C ALA A 131 -26.69 8.89 -17.44
N ALA A 132 -27.88 8.31 -17.42
CA ALA A 132 -29.11 9.11 -17.35
C ALA A 132 -29.19 9.86 -16.03
N ASP A 133 -28.85 9.20 -14.92
CA ASP A 133 -28.85 9.87 -13.63
C ASP A 133 -28.10 11.18 -13.74
N ILE A 134 -26.92 11.15 -14.37
CA ILE A 134 -26.05 12.30 -14.45
C ILE A 134 -26.59 13.33 -15.44
N VAL A 135 -26.79 12.92 -16.70
CA VAL A 135 -27.04 13.92 -17.74
C VAL A 135 -28.42 14.56 -17.65
N LEU A 136 -29.35 13.99 -16.87
CA LEU A 136 -30.67 14.59 -16.73
C LEU A 136 -30.58 15.97 -16.11
N TYR A 137 -29.56 16.21 -15.29
CA TYR A 137 -29.43 17.47 -14.57
C TYR A 137 -28.38 18.38 -15.19
N ASN A 138 -27.99 18.08 -16.43
CA ASN A 138 -26.99 18.87 -17.14
C ASN A 138 -25.71 18.94 -16.32
N THR A 139 -25.32 17.81 -15.74
CA THR A 139 -24.23 17.82 -14.76
C THR A 139 -22.89 18.18 -15.40
N ASN A 140 -22.13 19.03 -14.73
CA ASN A 140 -20.76 19.30 -15.16
C ASN A 140 -19.74 18.38 -14.47
N ILE A 141 -19.91 18.09 -13.18
CA ILE A 141 -18.88 17.31 -12.47
C ILE A 141 -19.54 16.19 -11.67
N VAL A 142 -18.85 15.04 -11.62
CA VAL A 142 -19.27 13.91 -10.81
C VAL A 142 -18.11 13.57 -9.88
N PRO A 143 -18.31 13.53 -8.57
CA PRO A 143 -17.19 13.31 -7.63
C PRO A 143 -16.95 11.83 -7.32
N VAL A 144 -16.45 11.07 -8.29
CA VAL A 144 -16.29 9.63 -8.12
C VAL A 144 -14.80 9.26 -8.20
N GLY A 145 -14.53 7.98 -7.92
CA GLY A 145 -13.17 7.47 -7.88
C GLY A 145 -12.79 6.69 -9.14
N ASP A 146 -11.54 6.19 -9.11
CA ASP A 146 -10.97 5.49 -10.25
C ASP A 146 -11.84 4.33 -10.69
N ASP A 147 -12.57 3.71 -9.76
CA ASP A 147 -13.40 2.58 -10.12
C ASP A 147 -14.57 2.94 -11.04
N GLN A 148 -14.89 4.23 -11.19
CA GLN A 148 -16.02 4.68 -12.00
C GLN A 148 -15.60 5.35 -13.29
N LYS A 149 -14.30 5.29 -13.64
CA LYS A 149 -13.81 5.97 -14.83
C LYS A 149 -14.45 5.43 -16.10
N GLN A 150 -14.67 4.11 -16.16
CA GLN A 150 -15.30 3.55 -17.35
C GLN A 150 -16.74 4.00 -17.47
N HIS A 151 -17.43 4.19 -16.35
CA HIS A 151 -18.84 4.58 -16.39
C HIS A 151 -19.00 6.00 -16.90
N ILE A 152 -18.12 6.91 -16.47
CA ILE A 152 -18.13 8.28 -16.97
C ILE A 152 -17.68 8.32 -18.42
N GLU A 153 -16.70 7.49 -18.79
CA GLU A 153 -16.31 7.43 -20.19
C GLU A 153 -17.48 7.02 -21.07
N LEU A 154 -18.23 6.00 -20.64
CA LEU A 154 -19.42 5.60 -21.37
C LEU A 154 -20.46 6.71 -21.37
N THR A 155 -20.71 7.33 -20.21
CA THR A 155 -21.61 8.47 -20.16
C THR A 155 -21.27 9.52 -21.21
N ARG A 156 -19.98 9.93 -21.25
CA ARG A 156 -19.57 10.96 -22.20
C ARG A 156 -19.77 10.49 -23.62
N ASN A 157 -19.48 9.20 -23.88
CA ASN A 157 -19.66 8.66 -25.22
C ASN A 157 -21.13 8.60 -25.59
N LEU A 158 -22.01 8.28 -24.63
CA LEU A 158 -23.43 8.26 -24.93
C LEU A 158 -23.94 9.65 -25.24
N VAL A 159 -23.44 10.65 -24.50
CA VAL A 159 -23.84 12.02 -24.77
C VAL A 159 -23.42 12.43 -26.17
N ASP A 160 -22.17 12.13 -26.55
CA ASP A 160 -21.70 12.44 -27.89
C ASP A 160 -22.53 11.72 -28.94
N ARG A 161 -22.80 10.43 -28.73
CA ARG A 161 -23.63 9.69 -29.67
C ARG A 161 -25.03 10.30 -29.77
N PHE A 162 -25.62 10.67 -28.63
CA PHE A 162 -26.97 11.22 -28.67
C PHE A 162 -26.99 12.53 -29.43
N ASN A 163 -26.09 13.44 -29.09
CA ASN A 163 -26.04 14.74 -29.77
C ASN A 163 -25.71 14.59 -31.24
N SER A 164 -24.83 13.65 -31.58
CA SER A 164 -24.44 13.44 -32.98
C SER A 164 -25.59 12.90 -33.80
N ARG A 165 -26.29 11.89 -33.27
CA ARG A 165 -27.36 11.25 -34.00
C ARG A 165 -28.64 12.06 -34.03
N TYR A 166 -29.02 12.70 -32.92
CA TYR A 166 -30.31 13.39 -33.00
C TYR A 166 -30.11 14.90 -33.07
N ASN A 167 -29.78 15.53 -31.95
CA ASN A 167 -29.39 16.95 -31.93
C ASN A 167 -28.95 17.28 -30.51
N ASP A 168 -28.34 18.45 -30.38
CA ASP A 168 -27.72 18.86 -29.12
C ASP A 168 -28.74 19.05 -28.02
N VAL A 169 -28.74 18.15 -27.06
CA VAL A 169 -29.52 18.34 -25.83
C VAL A 169 -28.73 18.01 -24.57
N LEU A 170 -27.68 17.19 -24.64
CA LEU A 170 -27.05 16.63 -23.44
C LEU A 170 -25.64 17.19 -23.24
N VAL A 171 -25.26 17.31 -21.97
CA VAL A 171 -23.98 17.89 -21.54
C VAL A 171 -23.09 16.75 -21.06
N LYS A 172 -21.80 16.80 -21.45
CA LYS A 172 -20.79 15.82 -21.02
C LYS A 172 -20.27 16.16 -19.63
N PRO A 173 -20.26 15.22 -18.69
CA PRO A 173 -19.69 15.50 -17.37
C PRO A 173 -18.21 15.17 -17.31
N GLU A 174 -17.55 15.72 -16.29
CA GLU A 174 -16.16 15.44 -15.95
C GLU A 174 -16.12 14.82 -14.57
N ILE A 175 -15.09 14.01 -14.31
CA ILE A 175 -14.87 13.52 -12.95
C ILE A 175 -14.12 14.61 -12.19
N ARG A 176 -14.78 15.21 -11.20
CA ARG A 176 -14.11 16.21 -10.38
C ARG A 176 -14.78 16.29 -9.02
N MET A 177 -13.99 16.15 -7.96
CA MET A 177 -14.44 16.46 -6.62
C MET A 177 -13.92 17.85 -6.29
N PRO A 178 -14.75 18.85 -6.02
CA PRO A 178 -14.21 20.23 -5.91
C PRO A 178 -13.22 20.42 -4.76
N LYS A 179 -13.45 19.81 -3.61
CA LYS A 179 -12.51 19.92 -2.49
C LYS A 179 -12.27 18.51 -1.95
N VAL A 180 -11.13 17.91 -2.30
CA VAL A 180 -10.85 16.56 -1.80
C VAL A 180 -10.59 16.64 -0.30
N GLY A 181 -11.25 15.77 0.46
CA GLY A 181 -10.95 15.61 1.87
C GLY A 181 -9.77 14.66 2.09
N GLY A 182 -9.41 14.50 3.36
CA GLY A 182 -8.33 13.59 3.68
C GLY A 182 -8.69 12.15 3.37
N ARG A 183 -7.67 11.37 3.05
CA ARG A 183 -7.84 9.93 2.86
C ARG A 183 -7.76 9.28 4.23
N VAL A 184 -8.78 8.52 4.61
CA VAL A 184 -8.79 7.82 5.89
C VAL A 184 -8.64 6.34 5.63
N MET A 185 -7.69 5.71 6.30
CA MET A 185 -7.33 4.32 6.08
C MET A 185 -7.87 3.42 7.19
N SER A 186 -7.88 2.12 6.92
CA SER A 186 -8.31 1.13 7.90
C SER A 186 -7.49 1.21 9.19
N LEU A 187 -8.19 1.19 10.33
CA LEU A 187 -7.54 1.44 11.62
C LEU A 187 -6.55 0.34 12.00
N GLN A 188 -6.77 -0.88 11.50
CA GLN A 188 -5.88 -2.01 11.79
C GLN A 188 -5.26 -2.58 10.52
N ASP A 189 -5.25 -1.81 9.45
CA ASP A 189 -4.59 -2.13 8.19
C ASP A 189 -4.32 -0.82 7.47
N PRO A 190 -3.31 -0.06 7.92
CA PRO A 190 -3.18 1.34 7.50
C PRO A 190 -2.83 1.54 6.04
N THR A 191 -2.56 0.48 5.28
CA THR A 191 -2.24 0.63 3.87
C THR A 191 -3.47 0.51 2.97
N ARG A 192 -4.61 0.07 3.52
CA ARG A 192 -5.86 -0.01 2.79
C ARG A 192 -6.82 1.09 3.24
N LYS A 193 -7.64 1.58 2.30
CA LYS A 193 -8.68 2.55 2.61
C LYS A 193 -9.69 1.95 3.58
N MET A 194 -10.21 2.81 4.47
CA MET A 194 -11.30 2.41 5.37
C MET A 194 -12.53 2.05 4.54
N SER A 195 -13.24 1.01 4.97
CA SER A 195 -14.39 0.51 4.20
C SER A 195 -15.48 0.06 5.16
N LYS A 196 -16.72 0.46 4.88
CA LYS A 196 -17.84 0.08 5.73
C LYS A 196 -18.10 -1.42 5.74
N SER A 197 -17.64 -2.17 4.74
CA SER A 197 -17.96 -3.59 4.63
C SER A 197 -16.81 -4.49 5.06
N ASP A 198 -15.90 -3.98 5.88
CA ASP A 198 -14.78 -4.80 6.33
C ASP A 198 -15.26 -5.96 7.20
N ASP A 199 -14.63 -7.13 7.04
CA ASP A 199 -14.91 -8.24 7.95
C ASP A 199 -14.30 -8.02 9.33
N ASN A 200 -13.34 -7.10 9.45
CA ASN A 200 -12.74 -6.73 10.73
C ASN A 200 -13.37 -5.41 11.12
N ALA A 201 -14.33 -5.46 12.04
CA ALA A 201 -15.10 -4.27 12.37
C ALA A 201 -14.26 -3.21 13.08
N LYS A 202 -13.15 -3.60 13.71
CA LYS A 202 -12.23 -2.61 14.26
C LYS A 202 -11.53 -1.77 13.20
N ASN A 203 -11.63 -2.13 11.91
CA ASN A 203 -10.93 -1.40 10.86
C ASN A 203 -11.60 -0.08 10.53
N PHE A 204 -12.91 0.02 10.73
CA PHE A 204 -13.65 1.21 10.33
C PHE A 204 -14.41 1.75 11.52
N ILE A 205 -14.69 3.04 11.49
CA ILE A 205 -15.59 3.62 12.46
C ILE A 205 -16.84 4.05 11.70
N SER A 206 -17.94 3.37 11.97
CA SER A 206 -19.19 3.74 11.34
C SER A 206 -19.73 5.03 11.91
N LEU A 207 -20.41 5.82 11.07
CA LEU A 207 -21.06 7.01 11.60
C LEU A 207 -22.18 6.65 12.57
N LEU A 208 -22.65 5.41 12.54
CA LEU A 208 -23.67 4.95 13.47
C LEU A 208 -23.11 3.97 14.50
N ASP A 209 -21.79 3.87 14.61
CA ASP A 209 -21.20 3.10 15.70
C ASP A 209 -21.54 3.80 17.02
N GLU A 210 -21.76 3.01 18.07
CA GLU A 210 -21.92 3.63 19.38
C GLU A 210 -20.68 4.45 19.73
N PRO A 211 -20.85 5.68 20.26
CA PRO A 211 -19.68 6.55 20.44
C PRO A 211 -18.61 5.95 21.33
N ASN A 212 -19.00 5.18 22.34
CA ASN A 212 -18.00 4.47 23.16
C ASN A 212 -17.28 3.41 22.35
N VAL A 213 -17.99 2.72 21.47
CA VAL A 213 -17.36 1.72 20.62
C VAL A 213 -16.36 2.36 19.68
N ALA A 214 -16.71 3.53 19.12
CA ALA A 214 -15.77 4.23 18.23
C ALA A 214 -14.50 4.63 18.96
N ALA A 215 -14.64 5.14 20.18
CA ALA A 215 -13.48 5.55 20.95
C ALA A 215 -12.55 4.37 21.22
N LYS A 216 -13.14 3.19 21.50
CA LYS A 216 -12.32 1.98 21.65
C LYS A 216 -11.59 1.65 20.35
N LYS A 217 -12.23 1.86 19.21
CA LYS A 217 -11.54 1.58 17.94
C LYS A 217 -10.38 2.54 17.71
N ILE A 218 -10.51 3.80 18.12
CA ILE A 218 -9.34 4.68 18.05
C ILE A 218 -8.21 4.12 18.90
N LYS A 219 -8.55 3.58 20.07
CA LYS A 219 -7.52 3.00 20.95
C LYS A 219 -6.96 1.70 20.41
N SER A 220 -7.73 0.91 19.67
CA SER A 220 -7.21 -0.34 19.13
C SER A 220 -6.58 -0.18 17.76
N ALA A 221 -6.49 1.05 17.24
CA ALA A 221 -5.79 1.27 15.98
C ALA A 221 -4.36 0.77 16.10
N VAL A 222 -3.86 0.15 15.03
CA VAL A 222 -2.55 -0.50 15.04
C VAL A 222 -1.49 0.57 14.84
N THR A 223 -0.68 0.81 15.88
CA THR A 223 0.41 1.78 15.84
C THR A 223 1.57 1.23 16.64
N ASP A 224 2.71 1.93 16.56
CA ASP A 224 3.79 1.66 17.49
C ASP A 224 3.30 1.89 18.91
N SER A 225 4.01 1.27 19.87
CA SER A 225 3.68 1.47 21.27
C SER A 225 3.78 2.95 21.67
N ASP A 226 4.78 3.65 21.16
CA ASP A 226 4.89 5.08 21.45
C ASP A 226 5.70 5.75 20.35
N GLY A 227 5.68 7.09 20.36
CA GLY A 227 6.40 7.85 19.37
C GLY A 227 6.02 9.32 19.44
N ILE A 228 6.56 10.07 18.50
CA ILE A 228 6.24 11.48 18.38
C ILE A 228 5.02 11.62 17.48
N ILE A 229 4.29 12.73 17.65
CA ILE A 229 3.12 13.02 16.84
C ILE A 229 3.61 13.81 15.64
N LYS A 230 4.02 13.07 14.61
CA LYS A 230 4.53 13.65 13.38
C LYS A 230 3.87 12.93 12.22
N PHE A 231 3.48 13.70 11.21
CA PHE A 231 2.83 13.16 10.02
C PHE A 231 3.89 12.50 9.14
N ASP A 232 3.80 11.18 8.95
CA ASP A 232 4.82 10.47 8.17
C ASP A 232 4.19 9.20 7.61
N ARG A 233 3.69 9.30 6.38
CA ARG A 233 2.89 8.21 5.81
C ARG A 233 3.72 6.96 5.57
N ASP A 234 4.90 7.10 4.96
CA ASP A 234 5.62 5.92 4.50
C ASP A 234 6.23 5.13 5.65
N ASN A 235 6.60 5.81 6.74
CA ASN A 235 7.27 5.11 7.83
C ASN A 235 6.37 4.82 9.01
N LYS A 236 5.41 5.71 9.29
CA LYS A 236 4.50 5.55 10.43
C LYS A 236 3.06 5.73 9.94
N PRO A 237 2.60 4.86 9.04
CA PRO A 237 1.22 5.02 8.55
C PRO A 237 0.16 4.91 9.63
N GLY A 238 0.45 4.24 10.75
CA GLY A 238 -0.56 4.08 11.78
C GLY A 238 -0.93 5.37 12.48
N ILE A 239 0.05 6.00 13.12
CA ILE A 239 -0.20 7.28 13.78
C ILE A 239 -0.56 8.36 12.77
N THR A 240 -0.02 8.27 11.55
CA THR A 240 -0.33 9.26 10.52
C THR A 240 -1.81 9.21 10.16
N ASN A 241 -2.35 8.01 9.98
CA ASN A 241 -3.77 7.88 9.72
C ASN A 241 -4.59 8.51 10.85
N LEU A 242 -4.19 8.29 12.10
CA LEU A 242 -4.91 8.91 13.20
C LEU A 242 -4.79 10.44 13.14
N ILE A 243 -3.60 10.96 12.79
CA ILE A 243 -3.47 12.41 12.64
C ILE A 243 -4.42 12.92 11.56
N SER A 244 -4.57 12.15 10.49
CA SER A 244 -5.50 12.53 9.43
C SER A 244 -6.94 12.59 9.94
N ILE A 245 -7.35 11.60 10.73
CA ILE A 245 -8.69 11.61 11.30
C ILE A 245 -8.85 12.81 12.23
N TYR A 246 -7.85 13.04 13.07
CA TYR A 246 -7.86 14.19 13.96
C TYR A 246 -8.01 15.48 13.17
N ALA A 247 -7.21 15.63 12.11
CA ALA A 247 -7.30 16.82 11.27
C ALA A 247 -8.66 16.89 10.57
N GLY A 248 -9.18 15.76 10.08
CA GLY A 248 -10.46 15.78 9.41
C GLY A 248 -11.61 16.18 10.29
N LEU A 249 -11.55 15.85 11.57
CA LEU A 249 -12.68 16.13 12.44
C LEU A 249 -12.61 17.49 13.11
N THR A 250 -11.41 18.02 13.33
CA THR A 250 -11.27 19.29 14.02
C THR A 250 -10.98 20.44 13.08
N ASP A 251 -10.61 20.17 11.84
CA ASP A 251 -10.11 21.17 10.90
C ASP A 251 -8.80 21.82 11.37
N MET A 252 -8.17 21.27 12.40
CA MET A 252 -6.85 21.73 12.79
C MET A 252 -5.84 21.37 11.71
N PRO A 253 -5.05 22.33 11.23
CA PRO A 253 -3.99 22.00 10.28
C PRO A 253 -3.02 20.98 10.87
N ILE A 254 -2.46 20.16 10.00
CA ILE A 254 -1.62 19.05 10.47
C ILE A 254 -0.37 19.58 11.16
N LYS A 255 0.28 20.59 10.59
CA LYS A 255 1.42 21.22 11.26
C LYS A 255 1.02 21.76 12.62
N ASP A 256 -0.20 22.30 12.72
CA ASP A 256 -0.70 22.75 14.01
C ASP A 256 -0.89 21.60 14.99
N ILE A 257 -1.30 20.42 14.50
CA ILE A 257 -1.44 19.27 15.38
C ILE A 257 -0.08 18.83 15.89
N GLU A 258 0.92 18.80 14.99
CA GLU A 258 2.26 18.41 15.41
C GLU A 258 2.81 19.36 16.46
N ALA A 259 2.61 20.67 16.27
CA ALA A 259 3.09 21.66 17.24
C ALA A 259 2.35 21.54 18.57
N LYS A 260 1.05 21.25 18.53
CA LYS A 260 0.27 21.09 19.76
C LYS A 260 0.75 19.91 20.60
N TYR A 261 1.19 18.82 19.94
CA TYR A 261 1.60 17.62 20.67
C TYR A 261 3.12 17.47 20.73
N GLU A 262 3.87 18.55 20.48
CA GLU A 262 5.32 18.53 20.70
C GLU A 262 5.62 18.11 22.12
N GLY A 263 6.49 17.11 22.29
CA GLY A 263 6.77 16.56 23.60
C GLY A 263 5.70 15.65 24.18
N GLU A 264 4.73 15.22 23.38
CA GLU A 264 3.70 14.29 23.85
C GLU A 264 3.89 12.93 23.18
N GLY A 265 3.42 11.88 23.87
CA GLY A 265 3.45 10.54 23.34
C GLY A 265 2.09 10.13 22.78
N TYR A 266 2.03 8.86 22.36
CA TYR A 266 0.84 8.34 21.70
C TYR A 266 -0.36 8.30 22.64
N GLY A 267 -0.15 7.90 23.89
CA GLY A 267 -1.30 7.72 24.78
C GLY A 267 -2.08 9.00 24.99
N LYS A 268 -1.37 10.13 25.10
CA LYS A 268 -2.08 11.40 25.25
C LYS A 268 -2.79 11.79 23.95
N PHE A 269 -2.13 11.59 22.81
CA PHE A 269 -2.76 11.94 21.55
C PHE A 269 -3.97 11.04 21.27
N LYS A 270 -3.79 9.72 21.42
CA LYS A 270 -4.90 8.81 21.15
C LYS A 270 -6.03 9.01 22.14
N GLY A 271 -5.71 9.40 23.38
CA GLY A 271 -6.76 9.72 24.33
C GLY A 271 -7.58 10.92 23.89
N ASP A 272 -6.90 11.99 23.47
CA ASP A 272 -7.61 13.17 23.00
C ASP A 272 -8.42 12.85 21.75
N LEU A 273 -7.85 12.08 20.82
CA LEU A 273 -8.54 11.75 19.58
C LEU A 273 -9.76 10.87 19.86
N ALA A 274 -9.64 9.89 20.76
CA ALA A 274 -10.80 9.07 21.06
C ALA A 274 -11.94 9.92 21.61
N GLU A 275 -11.61 10.89 22.45
CA GLU A 275 -12.64 11.77 22.99
C GLU A 275 -13.21 12.68 21.90
N ILE A 276 -12.37 13.12 20.96
CA ILE A 276 -12.87 13.90 19.83
C ILE A 276 -13.82 13.07 18.97
N VAL A 277 -13.43 11.83 18.67
CA VAL A 277 -14.31 10.97 17.88
C VAL A 277 -15.63 10.72 18.61
N LYS A 278 -15.55 10.47 19.91
CA LYS A 278 -16.78 10.23 20.68
C LYS A 278 -17.67 11.46 20.68
N ALA A 279 -17.10 12.65 20.90
CA ALA A 279 -17.92 13.86 20.90
C ALA A 279 -18.52 14.13 19.53
N PHE A 280 -17.76 13.87 18.47
CA PHE A 280 -18.29 14.10 17.13
C PHE A 280 -19.50 13.20 16.87
N LEU A 281 -19.40 11.92 17.23
CA LEU A 281 -20.49 11.01 16.95
C LEU A 281 -21.69 11.27 17.86
N VAL A 282 -21.47 11.70 19.11
CA VAL A 282 -22.59 12.05 19.96
C VAL A 282 -23.40 13.17 19.31
N GLU A 283 -22.72 14.21 18.83
CA GLU A 283 -23.39 15.30 18.15
C GLU A 283 -23.99 14.86 16.82
N PHE A 284 -23.26 14.05 16.06
CA PHE A 284 -23.76 13.61 14.75
C PHE A 284 -25.01 12.77 14.91
N GLN A 285 -25.00 11.82 15.84
CA GLN A 285 -26.09 10.87 15.96
C GLN A 285 -27.35 11.48 16.57
N GLU A 286 -27.21 12.56 17.33
CA GLU A 286 -28.39 13.27 17.81
C GLU A 286 -29.12 13.93 16.65
N LYS A 287 -28.38 14.62 15.76
CA LYS A 287 -29.00 15.13 14.53
C LYS A 287 -29.55 13.98 13.70
N TYR A 288 -28.81 12.88 13.59
CA TYR A 288 -29.26 11.76 12.75
C TYR A 288 -30.59 11.21 13.25
N GLU A 289 -30.70 10.96 14.56
CA GLU A 289 -31.93 10.41 15.11
C GLU A 289 -33.09 11.38 14.92
N SER A 290 -32.83 12.69 15.09
CA SER A 290 -33.92 13.64 14.94
C SER A 290 -34.44 13.69 13.51
N PHE A 291 -33.56 13.61 12.50
CA PHE A 291 -34.04 13.50 11.14
C PHE A 291 -34.71 12.15 10.89
N TYR A 292 -34.05 11.06 11.32
CA TYR A 292 -34.53 9.73 11.00
C TYR A 292 -35.92 9.45 11.62
N ASN A 293 -36.23 10.06 12.77
CA ASN A 293 -37.46 9.77 13.49
C ASN A 293 -38.51 10.88 13.39
N SER A 294 -38.29 11.87 12.53
CA SER A 294 -39.15 13.04 12.39
C SER A 294 -40.11 12.88 11.22
N ASP A 295 -41.25 13.60 11.28
CA ASP A 295 -42.13 13.51 10.12
C ASP A 295 -41.60 14.39 9.01
N LYS A 296 -40.80 15.41 9.36
CA LYS A 296 -40.26 16.30 8.35
C LYS A 296 -39.35 15.58 7.36
N LEU A 297 -38.85 14.38 7.70
CA LEU A 297 -37.99 13.69 6.75
C LEU A 297 -38.73 13.43 5.43
N ASP A 298 -39.98 12.99 5.51
CA ASP A 298 -40.76 12.79 4.29
C ASP A 298 -41.06 14.11 3.60
N ASP A 299 -41.32 15.17 4.37
CA ASP A 299 -41.46 16.49 3.76
C ASP A 299 -40.19 16.89 3.01
N ILE A 300 -39.02 16.70 3.64
CA ILE A 300 -37.75 17.05 2.98
C ILE A 300 -37.56 16.22 1.72
N LEU A 301 -37.76 14.90 1.81
CA LEU A 301 -37.56 14.06 0.63
C LEU A 301 -38.56 14.36 -0.48
N ASP A 302 -39.80 14.72 -0.13
CA ASP A 302 -40.78 15.18 -1.13
C ASP A 302 -40.26 16.42 -1.85
N GLN A 303 -39.78 17.40 -1.08
CA GLN A 303 -39.31 18.65 -1.68
C GLN A 303 -38.14 18.38 -2.62
N GLY A 304 -37.20 17.53 -2.20
CA GLY A 304 -36.10 17.19 -3.08
C GLY A 304 -36.56 16.49 -4.35
N ARG A 305 -37.49 15.54 -4.21
CA ARG A 305 -38.07 14.87 -5.36
C ARG A 305 -38.67 15.87 -6.33
N ASP A 306 -39.43 16.85 -5.82
CA ASP A 306 -40.07 17.81 -6.69
C ASP A 306 -39.03 18.70 -7.39
N LYS A 307 -37.99 19.11 -6.67
CA LYS A 307 -36.93 19.88 -7.32
C LYS A 307 -36.28 19.09 -8.45
N ALA A 308 -35.93 17.83 -8.18
CA ALA A 308 -35.27 17.04 -9.21
C ALA A 308 -36.19 16.77 -10.39
N HIS A 309 -37.48 16.53 -10.11
CA HIS A 309 -38.44 16.28 -11.19
C HIS A 309 -38.55 17.47 -12.10
N LYS A 310 -38.61 18.67 -11.53
CA LYS A 310 -38.74 19.86 -12.37
C LYS A 310 -37.58 19.94 -13.36
N VAL A 311 -36.35 19.69 -12.91
CA VAL A 311 -35.20 19.84 -13.80
C VAL A 311 -35.11 18.69 -14.78
N SER A 312 -35.25 17.44 -14.29
CA SER A 312 -35.08 16.29 -15.17
C SER A 312 -36.22 16.12 -16.17
N PHE A 313 -37.42 16.63 -15.85
CA PHE A 313 -38.54 16.57 -16.78
C PHE A 313 -38.22 17.31 -18.07
N LYS A 314 -37.64 18.50 -17.96
CA LYS A 314 -37.33 19.23 -19.18
C LYS A 314 -36.30 18.49 -20.02
N THR A 315 -35.28 17.93 -19.37
CA THR A 315 -34.28 17.15 -20.11
C THR A 315 -34.92 15.97 -20.83
N VAL A 316 -35.77 15.22 -20.12
CA VAL A 316 -36.45 14.06 -20.70
C VAL A 316 -37.27 14.48 -21.91
N LYS A 317 -38.01 15.59 -21.79
CA LYS A 317 -38.83 16.07 -22.90
C LYS A 317 -37.99 16.47 -24.09
N LYS A 318 -36.83 17.09 -23.84
CA LYS A 318 -35.95 17.41 -24.97
C LYS A 318 -35.45 16.13 -25.62
N MET A 319 -35.08 15.14 -24.83
CA MET A 319 -34.67 13.85 -25.38
C MET A 319 -35.77 13.20 -26.17
N GLU A 320 -37.00 13.21 -25.64
CA GLU A 320 -38.12 12.56 -26.33
C GLU A 320 -38.36 13.20 -27.69
N LYS A 321 -38.33 14.54 -27.74
CA LYS A 321 -38.50 15.23 -29.00
C LYS A 321 -37.38 14.88 -29.98
N ALA A 322 -36.14 14.80 -29.48
CA ALA A 322 -35.01 14.47 -30.36
C ALA A 322 -35.14 13.06 -30.94
N MET A 323 -35.66 12.10 -30.18
CA MET A 323 -35.79 10.76 -30.74
C MET A 323 -37.14 10.52 -31.44
N GLY A 324 -38.09 11.45 -31.31
CA GLY A 324 -39.39 11.22 -31.87
C GLY A 324 -40.34 10.38 -31.05
N LEU A 325 -40.09 10.21 -29.76
CA LEU A 325 -41.06 9.60 -28.85
C LEU A 325 -42.23 10.53 -28.61
N GLY A 326 -43.39 9.94 -28.34
CA GLY A 326 -44.53 10.69 -27.86
C GLY A 326 -45.14 11.57 -28.94
N ARG A 327 -45.61 12.73 -28.51
CA ARG A 327 -46.34 13.65 -29.35
C ARG A 327 -45.76 15.06 -29.23
N LYS A 328 -45.96 15.83 -30.29
CA LYS A 328 -45.81 17.27 -30.24
C LYS A 328 -47.15 17.86 -29.78
N ARG A 329 -47.18 18.36 -28.55
CA ARG A 329 -48.40 18.98 -28.07
C ARG A 329 -48.17 20.48 -27.89
N MET B 1 -9.79 20.73 -30.94
CA MET B 1 -9.35 19.44 -30.42
C MET B 1 -8.75 19.67 -29.03
N GLU B 2 -8.98 18.73 -28.11
CA GLU B 2 -8.53 18.91 -26.74
C GLU B 2 -7.06 18.54 -26.59
N THR B 3 -6.37 19.27 -25.70
CA THR B 3 -4.96 19.03 -25.43
C THR B 3 -4.80 18.18 -24.18
N LEU B 4 -3.93 17.18 -24.30
CA LEU B 4 -3.64 16.25 -23.21
C LEU B 4 -2.17 16.39 -22.84
N PHE B 5 -1.89 16.38 -21.55
CA PHE B 5 -0.52 16.40 -21.08
C PHE B 5 -0.31 15.29 -20.07
N SER B 6 0.76 14.54 -20.23
CA SER B 6 1.12 13.50 -19.28
C SER B 6 2.60 13.66 -18.97
N GLY B 7 2.92 13.84 -17.69
CA GLY B 7 4.31 13.82 -17.28
C GLY B 7 4.75 12.39 -17.05
N ILE B 8 5.97 12.07 -17.48
CA ILE B 8 6.49 10.72 -17.45
C ILE B 8 7.75 10.71 -16.58
N GLN B 9 7.68 10.01 -15.48
CA GLN B 9 8.82 9.89 -14.58
C GLN B 9 9.93 9.09 -15.25
N PRO B 10 11.13 9.65 -15.45
CA PRO B 10 12.24 8.87 -15.98
C PRO B 10 13.01 8.14 -14.88
N SER B 11 12.29 7.41 -14.04
CA SER B 11 12.93 6.75 -12.91
C SER B 11 12.38 5.36 -12.70
N GLY B 12 11.50 4.90 -13.60
CA GLY B 12 10.89 3.59 -13.45
C GLY B 12 10.27 3.10 -14.74
N ILE B 13 10.67 1.90 -15.12
CA ILE B 13 10.22 1.28 -16.37
C ILE B 13 8.73 0.99 -16.27
N PRO B 14 7.92 1.34 -17.28
CA PRO B 14 6.52 0.94 -17.25
C PRO B 14 6.39 -0.58 -17.23
N THR B 15 5.37 -1.05 -16.57
CA THR B 15 5.07 -2.46 -16.57
C THR B 15 4.03 -2.74 -17.65
N ILE B 16 3.71 -4.02 -17.79
CA ILE B 16 2.69 -4.41 -18.75
C ILE B 16 1.31 -3.90 -18.29
N GLY B 17 1.12 -3.74 -16.98
CA GLY B 17 -0.10 -3.10 -16.51
C GLY B 17 -0.19 -1.64 -16.93
N ASN B 18 0.94 -0.91 -16.85
CA ASN B 18 0.99 0.44 -17.41
C ASN B 18 0.70 0.40 -18.91
N TYR B 19 1.22 -0.62 -19.61
CA TYR B 19 1.03 -0.69 -21.04
C TYR B 19 -0.43 -0.93 -21.40
N ILE B 20 -1.07 -1.87 -20.71
CA ILE B 20 -2.47 -2.17 -20.98
C ILE B 20 -3.37 -1.02 -20.54
N GLY B 21 -3.06 -0.45 -19.37
CA GLY B 21 -3.89 0.64 -18.85
C GLY B 21 -3.75 1.93 -19.65
N ALA B 22 -2.52 2.38 -19.89
CA ALA B 22 -2.29 3.72 -20.44
C ALA B 22 -1.59 3.67 -21.80
N LEU B 23 -0.39 3.09 -21.87
CA LEU B 23 0.48 3.29 -23.02
C LEU B 23 -0.19 2.86 -24.31
N LYS B 24 -0.76 1.66 -24.32
CA LYS B 24 -1.42 1.14 -25.51
C LYS B 24 -2.57 2.03 -25.97
N GLN B 25 -3.25 2.68 -25.03
CA GLN B 25 -4.38 3.52 -25.40
C GLN B 25 -3.92 4.84 -26.00
N PHE B 26 -2.83 5.40 -25.47
CA PHE B 26 -2.27 6.63 -26.02
C PHE B 26 -2.01 6.49 -27.52
N VAL B 27 -1.59 5.31 -27.97
CA VAL B 27 -1.34 5.07 -29.39
C VAL B 27 -2.57 5.37 -30.23
N ASP B 28 -3.76 5.17 -29.67
CA ASP B 28 -5.00 5.50 -30.36
C ASP B 28 -5.44 6.94 -30.09
N VAL B 29 -5.43 7.36 -28.82
CA VAL B 29 -5.96 8.69 -28.53
C VAL B 29 -5.08 9.81 -29.11
N GLN B 30 -3.83 9.51 -29.48
CA GLN B 30 -3.00 10.54 -30.09
C GLN B 30 -3.56 10.99 -31.44
N ASN B 31 -4.50 10.24 -32.02
CA ASN B 31 -5.11 10.66 -33.28
C ASN B 31 -6.23 11.67 -33.08
N ASP B 32 -6.85 11.70 -31.90
CA ASP B 32 -7.99 12.56 -31.63
C ASP B 32 -7.71 13.62 -30.58
N TYR B 33 -6.52 13.59 -29.97
CA TYR B 33 -6.16 14.55 -28.95
C TYR B 33 -4.75 15.04 -29.23
N ASP B 34 -4.52 16.30 -28.88
CA ASP B 34 -3.20 16.93 -29.03
C ASP B 34 -2.41 16.56 -27.78
N CYS B 35 -1.56 15.54 -27.90
CA CYS B 35 -0.96 14.91 -26.73
C CYS B 35 0.48 15.38 -26.54
N TYR B 36 0.81 15.70 -25.29
CA TYR B 36 2.17 15.99 -24.87
C TYR B 36 2.63 14.91 -23.92
N PHE B 37 3.80 14.35 -24.17
CA PHE B 37 4.39 13.32 -23.35
C PHE B 37 5.75 13.85 -22.93
N CYS B 38 5.83 14.26 -21.66
CA CYS B 38 6.94 15.06 -21.17
C CYS B 38 7.71 14.22 -20.15
N ILE B 39 8.97 13.95 -20.45
CA ILE B 39 9.80 13.17 -19.53
C ILE B 39 10.34 14.14 -18.49
N VAL B 40 9.85 14.02 -17.26
CA VAL B 40 10.04 15.10 -16.29
C VAL B 40 11.33 14.81 -15.52
N ASP B 41 12.45 15.09 -16.19
CA ASP B 41 13.74 14.91 -15.52
C ASP B 41 13.96 15.95 -14.42
N GLN B 42 13.38 17.15 -14.55
CA GLN B 42 13.53 18.12 -13.47
C GLN B 42 12.74 17.71 -12.23
N HIS B 43 11.64 16.97 -12.40
CA HIS B 43 10.96 16.41 -11.24
C HIS B 43 11.74 15.24 -10.63
N ALA B 44 12.41 14.46 -11.47
CA ALA B 44 13.15 13.29 -10.98
C ALA B 44 14.22 13.69 -9.98
N ILE B 45 14.86 14.85 -10.15
CA ILE B 45 15.96 15.20 -9.24
C ILE B 45 15.50 15.82 -7.93
N THR B 46 14.19 15.97 -7.72
CA THR B 46 13.77 16.21 -6.35
C THR B 46 14.09 15.01 -5.46
N MET B 47 14.26 13.85 -6.06
CA MET B 47 14.45 12.56 -5.42
C MET B 47 15.91 12.12 -5.51
N PRO B 48 16.23 10.98 -4.81
CA PRO B 48 17.58 10.35 -4.86
C PRO B 48 17.87 9.86 -6.27
N GLN B 49 18.87 10.44 -6.92
CA GLN B 49 19.14 10.09 -8.34
C GLN B 49 20.64 10.11 -8.65
N ASP B 50 21.14 9.05 -9.25
CA ASP B 50 22.51 8.95 -9.74
C ASP B 50 22.60 9.55 -11.13
N ARG B 51 23.65 10.35 -11.36
CA ARG B 51 23.76 11.14 -12.58
C ARG B 51 23.80 10.28 -13.84
N LEU B 52 24.64 9.24 -13.84
CA LEU B 52 24.76 8.43 -15.05
C LEU B 52 23.51 7.59 -15.25
N LYS B 53 22.95 7.09 -14.16
CA LYS B 53 21.69 6.37 -14.24
C LYS B 53 20.59 7.24 -14.85
N LEU B 54 20.51 8.51 -14.42
CA LEU B 54 19.36 9.35 -14.78
C LEU B 54 19.29 9.57 -16.28
N ARG B 55 20.41 9.92 -16.92
CA ARG B 55 20.40 10.19 -18.35
C ARG B 55 20.06 8.92 -19.14
N LYS B 56 20.52 7.76 -18.68
CA LYS B 56 20.10 6.50 -19.31
C LYS B 56 18.59 6.33 -19.21
N GLN B 57 18.04 6.46 -18.00
CA GLN B 57 16.62 6.21 -17.79
C GLN B 57 15.76 7.13 -18.65
N THR B 58 16.22 8.37 -18.83
CA THR B 58 15.50 9.33 -19.66
C THR B 58 15.43 8.87 -21.11
N ARG B 59 16.54 8.33 -21.63
CA ARG B 59 16.54 7.79 -23.01
C ARG B 59 15.67 6.52 -23.07
N GLN B 60 15.72 5.71 -22.00
CA GLN B 60 14.96 4.46 -22.00
C GLN B 60 13.47 4.73 -22.10
N LEU B 61 12.98 5.74 -21.36
CA LEU B 61 11.56 6.07 -21.36
C LEU B 61 11.11 6.56 -22.72
N ALA B 62 11.90 7.43 -23.36
CA ALA B 62 11.57 7.89 -24.69
C ALA B 62 11.48 6.74 -25.67
N ALA B 63 12.42 5.79 -25.58
CA ALA B 63 12.40 4.61 -26.43
C ALA B 63 11.20 3.73 -26.11
N ILE B 64 10.82 3.63 -24.84
CA ILE B 64 9.67 2.81 -24.49
C ILE B 64 8.40 3.38 -25.07
N TYR B 65 8.21 4.71 -24.98
CA TYR B 65 7.00 5.31 -25.55
C TYR B 65 6.99 5.19 -27.07
N LEU B 66 8.14 5.40 -27.71
CA LEU B 66 8.21 5.25 -29.16
C LEU B 66 7.96 3.81 -29.58
N ALA B 67 8.49 2.83 -28.83
CA ALA B 67 8.23 1.43 -29.15
C ALA B 67 6.76 1.09 -28.98
N SER B 68 6.10 1.69 -27.97
CA SER B 68 4.66 1.51 -27.77
C SER B 68 3.84 1.99 -28.95
N GLY B 69 4.40 2.87 -29.78
CA GLY B 69 3.69 3.45 -30.89
C GLY B 69 3.33 4.91 -30.75
N ILE B 70 3.85 5.62 -29.74
CA ILE B 70 3.73 7.07 -29.74
C ILE B 70 4.43 7.62 -30.98
N ASP B 71 3.68 8.35 -31.79
CA ASP B 71 4.14 8.86 -33.08
C ASP B 71 4.65 10.27 -32.87
N PRO B 72 5.95 10.53 -33.02
CA PRO B 72 6.48 11.87 -32.71
C PRO B 72 5.97 12.97 -33.64
N ASP B 73 5.26 12.63 -34.70
CA ASP B 73 4.62 13.61 -35.58
C ASP B 73 3.22 13.95 -35.10
N LYS B 74 2.43 12.94 -34.71
CA LYS B 74 1.09 13.20 -34.20
C LYS B 74 1.14 13.82 -32.81
N ALA B 75 2.09 13.39 -31.97
CA ALA B 75 2.21 13.77 -30.57
C ALA B 75 3.52 14.52 -30.34
N THR B 76 3.69 15.01 -29.12
CA THR B 76 4.89 15.77 -28.74
C THR B 76 5.58 15.06 -27.59
N LEU B 77 6.68 14.38 -27.88
CA LEU B 77 7.47 13.63 -26.91
C LEU B 77 8.76 14.40 -26.65
N PHE B 78 8.94 14.91 -25.43
CA PHE B 78 10.05 15.81 -25.17
C PHE B 78 10.52 15.67 -23.72
N ILE B 79 11.70 16.22 -23.46
CA ILE B 79 12.32 16.22 -22.15
C ILE B 79 12.08 17.58 -21.50
N GLN B 80 11.56 17.57 -20.27
CA GLN B 80 11.21 18.78 -19.54
C GLN B 80 12.34 19.82 -19.50
N SER B 81 13.54 19.40 -19.08
CA SER B 81 14.63 20.35 -18.88
C SER B 81 15.09 21.04 -20.16
N GLU B 82 14.78 20.45 -21.32
CA GLU B 82 15.16 21.07 -22.58
C GLU B 82 14.21 22.17 -23.00
N VAL B 83 13.17 22.42 -22.24
CA VAL B 83 12.21 23.49 -22.52
C VAL B 83 12.20 24.42 -21.32
N PRO B 84 12.92 25.56 -21.40
CA PRO B 84 13.06 26.43 -20.22
C PRO B 84 11.74 26.93 -19.68
N ALA B 85 10.68 26.95 -20.50
CA ALA B 85 9.43 27.54 -20.03
C ALA B 85 8.91 26.87 -18.76
N HIS B 86 9.26 25.61 -18.52
CA HIS B 86 8.73 24.90 -17.36
C HIS B 86 9.20 25.51 -16.06
N VAL B 87 10.51 25.72 -15.91
CA VAL B 87 10.96 26.37 -14.68
C VAL B 87 10.62 27.86 -14.68
N GLN B 88 10.37 28.46 -15.85
CA GLN B 88 9.99 29.87 -15.86
C GLN B 88 8.59 30.07 -15.32
N ALA B 89 7.61 29.34 -15.87
CA ALA B 89 6.26 29.38 -15.32
C ALA B 89 6.24 28.76 -13.94
N GLY B 90 7.12 27.80 -13.66
CA GLY B 90 7.15 27.20 -12.34
C GLY B 90 7.46 28.21 -11.27
N TRP B 91 8.45 29.06 -11.52
CA TRP B 91 8.78 30.12 -10.58
C TRP B 91 7.63 31.10 -10.41
N MET B 92 7.04 31.57 -11.53
CA MET B 92 5.94 32.52 -11.42
C MET B 92 4.76 31.95 -10.64
N LEU B 93 4.38 30.70 -10.92
CA LEU B 93 3.31 30.09 -10.14
C LEU B 93 3.72 29.91 -8.68
N THR B 94 4.99 29.61 -8.43
CA THR B 94 5.46 29.48 -7.05
C THR B 94 5.21 30.75 -6.25
N THR B 95 5.47 31.91 -6.88
CA THR B 95 5.37 33.19 -6.15
C THR B 95 3.94 33.53 -5.75
N ILE B 96 2.94 32.98 -6.42
CA ILE B 96 1.55 33.23 -6.04
C ILE B 96 0.96 32.09 -5.24
N ALA B 97 1.69 31.01 -5.05
CA ALA B 97 1.28 29.96 -4.12
C ALA B 97 1.63 30.39 -2.69
N SER B 98 0.99 29.76 -1.72
CA SER B 98 1.30 30.00 -0.32
C SER B 98 2.16 28.86 0.21
N VAL B 99 2.95 29.18 1.24
CA VAL B 99 3.73 28.13 1.92
C VAL B 99 2.80 27.06 2.48
N GLY B 100 1.67 27.47 3.07
CA GLY B 100 0.72 26.50 3.58
C GLY B 100 0.20 25.58 2.48
N GLU B 101 -0.09 26.13 1.31
CA GLU B 101 -0.54 25.31 0.19
C GLU B 101 0.51 24.28 -0.17
N LEU B 102 1.78 24.67 -0.23
CA LEU B 102 2.81 23.69 -0.53
C LEU B 102 2.89 22.65 0.59
N GLU B 103 2.82 23.09 1.85
CA GLU B 103 2.93 22.18 2.97
C GLU B 103 1.79 21.15 2.96
N ARG B 104 0.60 21.56 2.51
CA ARG B 104 -0.54 20.66 2.50
C ARG B 104 -0.43 19.62 1.40
N MET B 105 0.29 19.91 0.31
CA MET B 105 0.51 18.90 -0.70
C MET B 105 1.45 17.80 -0.20
N THR B 106 2.34 18.13 0.75
CA THR B 106 3.18 17.11 1.37
C THR B 106 2.35 16.14 2.19
N GLN B 107 1.37 16.65 2.94
CA GLN B 107 0.46 15.78 3.67
C GLN B 107 -0.47 15.04 2.72
N TYR B 108 -0.70 13.76 3.01
CA TYR B 108 -1.42 12.88 2.11
C TYR B 108 -0.69 12.77 0.78
N GLU B 117 20.90 14.62 7.16
CA GLU B 117 20.40 15.67 6.28
C GLU B 117 18.94 16.02 6.60
N GLY B 118 18.50 17.19 6.14
CA GLY B 118 17.12 17.60 6.25
C GLY B 118 16.28 17.07 5.10
N ILE B 119 15.10 17.67 4.94
CA ILE B 119 14.15 17.26 3.90
C ILE B 119 14.49 18.02 2.62
N PRO B 120 14.83 17.34 1.52
CA PRO B 120 15.11 18.03 0.26
C PRO B 120 13.97 18.98 -0.12
N ALA B 121 14.34 20.21 -0.47
CA ALA B 121 13.35 21.25 -0.70
C ALA B 121 12.55 21.00 -1.97
N GLY B 122 13.10 20.24 -2.93
CA GLY B 122 12.36 19.95 -4.14
C GLY B 122 11.06 19.23 -3.87
N LEU B 123 11.02 18.43 -2.80
CA LEU B 123 9.79 17.73 -2.44
C LEU B 123 8.72 18.67 -1.92
N LEU B 124 9.10 19.85 -1.44
CA LEU B 124 8.10 20.82 -1.03
C LEU B 124 7.65 21.70 -2.19
N THR B 125 8.58 22.08 -3.06
CA THR B 125 8.33 23.13 -4.03
C THR B 125 7.95 22.62 -5.41
N TYR B 126 7.96 21.31 -5.66
CA TYR B 126 7.61 20.83 -6.99
C TYR B 126 6.16 21.10 -7.43
N PRO B 127 5.14 21.17 -6.56
CA PRO B 127 3.75 21.26 -7.09
C PRO B 127 3.53 22.41 -8.05
N PRO B 128 4.07 23.62 -7.81
CA PRO B 128 3.90 24.69 -8.82
C PRO B 128 4.56 24.38 -10.15
N LEU B 129 5.64 23.58 -10.14
CA LEU B 129 6.28 23.18 -11.39
C LEU B 129 5.42 22.16 -12.13
N MET B 130 4.80 21.24 -11.39
CA MET B 130 3.79 20.37 -11.98
C MET B 130 2.68 21.19 -12.63
N ALA B 131 2.20 22.22 -11.92
CA ALA B 131 1.16 23.07 -12.46
C ALA B 131 1.64 23.75 -13.74
N ALA B 132 2.89 24.24 -13.74
CA ALA B 132 3.42 24.88 -14.93
C ALA B 132 3.55 23.89 -16.09
N ASP B 133 4.08 22.70 -15.81
CA ASP B 133 4.15 21.66 -16.83
C ASP B 133 2.82 21.58 -17.59
N ILE B 134 1.72 21.60 -16.85
CA ILE B 134 0.41 21.38 -17.46
C ILE B 134 -0.10 22.64 -18.16
N VAL B 135 -0.15 23.76 -17.45
CA VAL B 135 -0.81 24.93 -18.00
C VAL B 135 -0.03 25.61 -19.11
N LEU B 136 1.25 25.27 -19.29
CA LEU B 136 2.03 25.91 -20.35
C LEU B 136 1.50 25.57 -21.72
N TYR B 137 0.82 24.42 -21.84
CA TYR B 137 0.36 23.91 -23.12
C TYR B 137 -1.14 24.09 -23.28
N ASN B 138 -1.75 24.93 -22.43
CA ASN B 138 -3.20 25.16 -22.45
C ASN B 138 -3.92 23.82 -22.34
N THR B 139 -3.44 22.98 -21.44
CA THR B 139 -3.89 21.61 -21.37
C THR B 139 -5.35 21.50 -20.89
N ASN B 140 -6.13 20.67 -21.57
CA ASN B 140 -7.51 20.45 -21.17
C ASN B 140 -7.65 19.25 -20.23
N ILE B 141 -6.87 18.18 -20.45
CA ILE B 141 -7.02 16.96 -19.67
C ILE B 141 -5.64 16.42 -19.30
N VAL B 142 -5.56 15.85 -18.09
CA VAL B 142 -4.36 15.19 -17.59
C VAL B 142 -4.78 13.79 -17.18
N PRO B 143 -4.20 12.74 -17.74
CA PRO B 143 -4.64 11.35 -17.41
C PRO B 143 -3.92 10.79 -16.19
N VAL B 144 -4.23 11.32 -15.02
CA VAL B 144 -3.60 10.89 -13.77
C VAL B 144 -4.61 10.17 -12.89
N GLY B 145 -4.10 9.53 -11.84
CA GLY B 145 -4.91 8.76 -10.92
C GLY B 145 -5.34 9.54 -9.69
N ASP B 146 -5.96 8.80 -8.75
CA ASP B 146 -6.51 9.41 -7.54
C ASP B 146 -5.42 10.05 -6.70
N ASP B 147 -4.20 9.51 -6.78
CA ASP B 147 -3.10 10.05 -5.99
C ASP B 147 -2.66 11.43 -6.45
N GLN B 148 -3.17 11.93 -7.58
CA GLN B 148 -2.80 13.23 -8.12
C GLN B 148 -3.95 14.21 -8.09
N LYS B 149 -5.08 13.87 -7.46
CA LYS B 149 -6.24 14.74 -7.43
C LYS B 149 -5.91 16.11 -6.83
N GLN B 150 -5.11 16.13 -5.76
CA GLN B 150 -4.86 17.40 -5.09
C GLN B 150 -3.84 18.25 -5.84
N HIS B 151 -2.91 17.62 -6.56
CA HIS B 151 -2.02 18.37 -7.45
C HIS B 151 -2.82 19.06 -8.54
N ILE B 152 -3.85 18.38 -9.08
CA ILE B 152 -4.68 19.04 -10.08
C ILE B 152 -5.57 20.09 -9.44
N GLU B 153 -6.03 19.86 -8.20
CA GLU B 153 -6.81 20.88 -7.50
C GLU B 153 -5.98 22.14 -7.29
N LEU B 154 -4.73 21.96 -6.85
CA LEU B 154 -3.83 23.10 -6.72
C LEU B 154 -3.61 23.78 -8.07
N THR B 155 -3.39 23.00 -9.13
CA THR B 155 -3.18 23.58 -10.45
C THR B 155 -4.35 24.46 -10.86
N ARG B 156 -5.58 23.94 -10.71
CA ARG B 156 -6.77 24.73 -11.05
C ARG B 156 -6.89 25.97 -10.19
N ASN B 157 -6.56 25.85 -8.90
CA ASN B 157 -6.59 27.02 -8.03
C ASN B 157 -5.52 28.04 -8.43
N LEU B 158 -4.33 27.57 -8.80
CA LEU B 158 -3.28 28.49 -9.26
C LEU B 158 -3.70 29.19 -10.53
N VAL B 159 -4.34 28.46 -11.44
CA VAL B 159 -4.86 29.06 -12.67
C VAL B 159 -5.88 30.15 -12.34
N ASP B 160 -6.84 29.84 -11.46
CA ASP B 160 -7.87 30.82 -11.10
C ASP B 160 -7.24 32.07 -10.48
N ARG B 161 -6.28 31.87 -9.59
CA ARG B 161 -5.63 32.98 -8.91
C ARG B 161 -4.84 33.82 -9.91
N PHE B 162 -4.17 33.18 -10.86
CA PHE B 162 -3.41 33.94 -11.84
C PHE B 162 -4.33 34.74 -12.75
N ASN B 163 -5.38 34.09 -13.28
CA ASN B 163 -6.26 34.74 -14.24
C ASN B 163 -7.00 35.91 -13.63
N SER B 164 -7.29 35.85 -12.34
CA SER B 164 -8.11 36.87 -11.70
C SER B 164 -7.26 37.97 -11.07
N ARG B 165 -6.03 37.68 -10.71
CA ARG B 165 -5.18 38.73 -10.18
C ARG B 165 -4.38 39.44 -11.26
N TYR B 166 -4.08 38.79 -12.39
CA TYR B 166 -3.25 39.41 -13.41
C TYR B 166 -4.01 39.63 -14.71
N ASN B 167 -4.37 38.57 -15.44
CA ASN B 167 -5.40 38.63 -16.48
C ASN B 167 -5.58 37.23 -17.04
N ASP B 168 -6.72 37.02 -17.71
CA ASP B 168 -7.20 35.71 -18.12
C ASP B 168 -6.34 35.09 -19.21
N VAL B 169 -5.35 34.28 -18.81
CA VAL B 169 -4.41 33.73 -19.76
C VAL B 169 -4.25 32.21 -19.67
N LEU B 170 -4.53 31.58 -18.54
CA LEU B 170 -4.27 30.15 -18.36
C LEU B 170 -5.57 29.34 -18.37
N VAL B 171 -5.47 28.09 -18.83
CA VAL B 171 -6.60 27.15 -18.97
C VAL B 171 -6.56 26.19 -17.78
N LYS B 172 -7.73 25.95 -17.17
CA LYS B 172 -7.84 24.95 -16.10
C LYS B 172 -7.93 23.55 -16.70
N PRO B 173 -7.06 22.62 -16.29
CA PRO B 173 -7.17 21.24 -16.78
C PRO B 173 -8.22 20.45 -15.99
N GLU B 174 -8.61 19.33 -16.57
CA GLU B 174 -9.41 18.31 -15.90
C GLU B 174 -8.59 17.03 -15.85
N ILE B 175 -8.98 16.15 -14.93
CA ILE B 175 -8.44 14.79 -14.91
C ILE B 175 -9.30 13.95 -15.82
N ARG B 176 -8.74 13.52 -16.95
CA ARG B 176 -9.45 12.62 -17.85
C ARG B 176 -8.45 11.80 -18.65
N MET B 177 -8.69 10.51 -18.70
CA MET B 177 -8.01 9.61 -19.62
C MET B 177 -9.03 9.21 -20.68
N PRO B 178 -8.84 9.63 -21.93
CA PRO B 178 -9.89 9.40 -22.96
C PRO B 178 -10.39 7.96 -23.11
N LYS B 179 -9.50 6.95 -23.11
CA LYS B 179 -9.94 5.56 -23.17
C LYS B 179 -9.19 4.78 -22.10
N VAL B 180 -9.91 4.29 -21.09
CA VAL B 180 -9.23 3.92 -19.85
C VAL B 180 -8.47 2.60 -19.98
N GLY B 181 -9.01 1.61 -20.68
CA GLY B 181 -8.25 0.36 -20.77
C GLY B 181 -8.12 -0.46 -19.49
N GLY B 182 -7.88 -1.76 -19.63
CA GLY B 182 -8.07 -2.69 -18.54
C GLY B 182 -7.14 -2.44 -17.37
N ARG B 183 -7.65 -2.73 -16.17
CA ARG B 183 -6.85 -2.71 -14.95
C ARG B 183 -6.08 -4.02 -14.81
N VAL B 184 -4.83 -3.92 -14.38
CA VAL B 184 -3.96 -5.09 -14.21
C VAL B 184 -3.50 -5.10 -12.76
N MET B 185 -3.71 -6.20 -12.07
CA MET B 185 -3.39 -6.30 -10.65
C MET B 185 -2.02 -6.96 -10.46
N SER B 186 -1.50 -6.86 -9.25
CA SER B 186 -0.26 -7.56 -8.92
C SER B 186 -0.42 -9.08 -9.09
N LEU B 187 0.62 -9.72 -9.62
CA LEU B 187 0.50 -11.12 -10.00
C LEU B 187 0.39 -12.05 -8.79
N GLN B 188 1.19 -11.79 -7.76
CA GLN B 188 1.17 -12.58 -6.53
C GLN B 188 0.32 -11.93 -5.45
N ASP B 189 -0.48 -10.92 -5.80
CA ASP B 189 -1.35 -10.21 -4.88
C ASP B 189 -2.48 -9.55 -5.65
N PRO B 190 -3.46 -10.32 -6.14
CA PRO B 190 -4.49 -9.75 -7.03
C PRO B 190 -5.35 -8.67 -6.40
N THR B 191 -5.18 -8.38 -5.11
CA THR B 191 -5.91 -7.26 -4.52
C THR B 191 -5.26 -5.93 -4.89
N ARG B 192 -3.95 -5.82 -4.71
CA ARG B 192 -3.25 -4.58 -5.03
C ARG B 192 -3.07 -4.44 -6.53
N LYS B 193 -2.92 -3.19 -6.98
CA LYS B 193 -2.60 -2.92 -8.37
C LYS B 193 -1.13 -3.24 -8.63
N MET B 194 -0.85 -3.74 -9.84
CA MET B 194 0.54 -3.96 -10.22
C MET B 194 1.27 -2.63 -10.25
N SER B 195 2.46 -2.59 -9.63
CA SER B 195 3.24 -1.36 -9.52
C SER B 195 4.68 -1.64 -9.88
N LYS B 196 5.30 -0.70 -10.62
CA LYS B 196 6.70 -0.84 -10.99
C LYS B 196 7.64 -0.75 -9.79
N SER B 197 7.18 -0.25 -8.66
CA SER B 197 8.04 -0.03 -7.49
C SER B 197 7.93 -1.16 -6.46
N ASP B 198 7.21 -2.24 -6.77
CA ASP B 198 7.03 -3.32 -5.81
C ASP B 198 8.37 -3.95 -5.43
N ASP B 199 8.55 -4.21 -4.13
CA ASP B 199 9.75 -4.90 -3.66
C ASP B 199 9.78 -6.34 -4.11
N ASN B 200 8.60 -6.96 -4.22
CA ASN B 200 8.46 -8.29 -4.80
C ASN B 200 8.37 -8.14 -6.31
N ALA B 201 9.50 -8.36 -6.99
CA ALA B 201 9.51 -8.22 -8.45
C ALA B 201 8.64 -9.26 -9.15
N LYS B 202 8.21 -10.31 -8.44
CA LYS B 202 7.28 -11.25 -9.03
C LYS B 202 5.87 -10.70 -9.14
N ASN B 203 5.59 -9.52 -8.57
CA ASN B 203 4.25 -8.95 -8.64
C ASN B 203 3.98 -8.18 -9.93
N PHE B 204 5.00 -7.84 -10.70
CA PHE B 204 4.83 -7.08 -11.94
C PHE B 204 5.66 -7.69 -13.05
N ILE B 205 5.27 -7.41 -14.29
CA ILE B 205 6.07 -7.76 -15.46
C ILE B 205 6.50 -6.47 -16.14
N SER B 206 7.79 -6.17 -16.07
CA SER B 206 8.33 -4.98 -16.69
C SER B 206 8.36 -5.12 -18.21
N LEU B 207 8.15 -4.01 -18.91
CA LEU B 207 8.28 -4.03 -20.36
C LEU B 207 9.70 -4.38 -20.80
N LEU B 208 10.68 -4.26 -19.90
CA LEU B 208 12.06 -4.62 -20.17
C LEU B 208 12.51 -5.84 -19.37
N ASP B 209 11.57 -6.58 -18.76
CA ASP B 209 11.88 -7.88 -18.21
C ASP B 209 12.34 -8.81 -19.32
N GLU B 210 13.30 -9.67 -19.01
CA GLU B 210 13.68 -10.70 -19.96
C GLU B 210 12.43 -11.53 -20.27
N PRO B 211 12.13 -11.77 -21.56
CA PRO B 211 10.85 -12.41 -21.90
C PRO B 211 10.63 -13.74 -21.19
N ASN B 212 11.72 -14.45 -20.94
CA ASN B 212 11.65 -15.72 -20.25
C ASN B 212 11.49 -15.53 -18.73
N VAL B 213 11.98 -14.41 -18.18
CA VAL B 213 11.68 -14.08 -16.79
C VAL B 213 10.20 -13.75 -16.61
N ALA B 214 9.62 -13.01 -17.57
CA ALA B 214 8.19 -12.72 -17.50
C ALA B 214 7.35 -13.99 -17.58
N ALA B 215 7.77 -14.94 -18.43
CA ALA B 215 7.10 -16.23 -18.51
C ALA B 215 6.99 -16.88 -17.14
N LYS B 216 8.05 -16.79 -16.35
CA LYS B 216 8.02 -17.41 -15.01
C LYS B 216 7.08 -16.62 -14.10
N LYS B 217 6.97 -15.31 -14.27
CA LYS B 217 6.09 -14.52 -13.41
C LYS B 217 4.63 -14.83 -13.71
N ILE B 218 4.30 -15.06 -14.98
CA ILE B 218 2.95 -15.53 -15.30
C ILE B 218 2.70 -16.87 -14.62
N LYS B 219 3.70 -17.74 -14.60
CA LYS B 219 3.50 -19.07 -14.07
C LYS B 219 3.60 -19.13 -12.55
N SER B 220 4.29 -18.18 -11.93
CA SER B 220 4.30 -18.07 -10.49
C SER B 220 3.19 -17.14 -9.97
N ALA B 221 2.27 -16.73 -10.84
CA ALA B 221 1.16 -15.91 -10.40
C ALA B 221 0.16 -16.74 -9.60
N VAL B 222 -0.43 -16.10 -8.59
CA VAL B 222 -1.20 -16.78 -7.55
C VAL B 222 -2.64 -16.97 -8.02
N THR B 223 -3.08 -18.22 -8.04
CA THR B 223 -4.44 -18.61 -8.44
C THR B 223 -4.82 -19.86 -7.63
N ASP B 224 -5.85 -20.58 -8.08
CA ASP B 224 -6.09 -21.93 -7.61
C ASP B 224 -5.23 -22.93 -8.39
N SER B 225 -5.26 -24.19 -7.99
CA SER B 225 -4.45 -25.20 -8.68
C SER B 225 -5.01 -25.52 -10.06
N ASP B 226 -6.34 -25.54 -10.20
CA ASP B 226 -6.99 -25.79 -11.48
C ASP B 226 -8.39 -25.17 -11.41
N GLY B 227 -9.02 -25.12 -12.56
CA GLY B 227 -10.38 -24.57 -12.60
C GLY B 227 -10.72 -24.22 -14.03
N ILE B 228 -11.78 -23.44 -14.19
CA ILE B 228 -12.22 -23.05 -15.55
C ILE B 228 -11.75 -21.63 -15.78
N ILE B 229 -11.59 -21.25 -17.05
CA ILE B 229 -11.24 -19.84 -17.36
C ILE B 229 -12.51 -18.99 -17.32
N LYS B 230 -12.85 -18.48 -16.15
CA LYS B 230 -14.03 -17.63 -15.98
C LYS B 230 -13.66 -16.34 -15.26
N PHE B 231 -14.08 -15.22 -15.84
CA PHE B 231 -13.83 -13.89 -15.28
C PHE B 231 -14.67 -13.73 -14.02
N ASP B 232 -14.01 -13.50 -12.89
CA ASP B 232 -14.71 -13.29 -11.62
C ASP B 232 -13.77 -12.56 -10.66
N ARG B 233 -13.97 -11.25 -10.52
CA ARG B 233 -13.09 -10.48 -9.63
C ARG B 233 -13.26 -10.90 -8.17
N ASP B 234 -14.48 -11.22 -7.77
CA ASP B 234 -14.73 -11.76 -6.44
C ASP B 234 -14.64 -13.28 -6.49
N ASN B 235 -14.05 -13.87 -5.44
CA ASN B 235 -13.91 -15.32 -5.27
C ASN B 235 -12.87 -15.93 -6.20
N LYS B 236 -12.36 -15.16 -7.17
CA LYS B 236 -11.32 -15.67 -8.04
C LYS B 236 -10.52 -14.53 -8.67
N PRO B 237 -9.90 -13.66 -7.86
CA PRO B 237 -9.17 -12.52 -8.46
C PRO B 237 -7.90 -12.94 -9.21
N GLY B 238 -7.27 -14.04 -8.83
CA GLY B 238 -6.02 -14.46 -9.45
C GLY B 238 -6.16 -14.81 -10.91
N ILE B 239 -6.99 -15.82 -11.22
CA ILE B 239 -7.13 -16.28 -12.60
C ILE B 239 -7.78 -15.19 -13.45
N THR B 240 -8.61 -14.35 -12.85
CA THR B 240 -9.28 -13.29 -13.60
C THR B 240 -8.30 -12.21 -14.06
N ASN B 241 -7.38 -11.80 -13.18
CA ASN B 241 -6.33 -10.87 -13.58
C ASN B 241 -5.53 -11.39 -14.77
N LEU B 242 -5.25 -12.70 -14.78
CA LEU B 242 -4.53 -13.29 -15.91
C LEU B 242 -5.36 -13.28 -17.19
N ILE B 243 -6.69 -13.37 -17.07
CA ILE B 243 -7.55 -13.17 -18.23
C ILE B 243 -7.52 -11.71 -18.68
N SER B 244 -7.47 -10.78 -17.72
CA SER B 244 -7.28 -9.38 -18.07
C SER B 244 -6.02 -9.20 -18.91
N ILE B 245 -4.89 -9.71 -18.41
CA ILE B 245 -3.62 -9.55 -19.13
C ILE B 245 -3.70 -10.22 -20.50
N TYR B 246 -4.34 -11.39 -20.56
CA TYR B 246 -4.52 -12.06 -21.85
C TYR B 246 -5.30 -11.17 -22.81
N ALA B 247 -6.38 -10.56 -22.30
CA ALA B 247 -7.19 -9.66 -23.12
C ALA B 247 -6.36 -8.48 -23.60
N GLY B 248 -5.57 -7.87 -22.70
CA GLY B 248 -4.84 -6.66 -23.07
C GLY B 248 -3.85 -6.89 -24.20
N LEU B 249 -3.16 -8.03 -24.19
CA LEU B 249 -2.09 -8.27 -25.15
C LEU B 249 -2.56 -8.88 -26.47
N THR B 250 -3.77 -9.43 -26.53
CA THR B 250 -4.29 -10.00 -27.77
C THR B 250 -5.52 -9.30 -28.30
N ASP B 251 -6.17 -8.45 -27.49
CA ASP B 251 -7.42 -7.75 -27.76
C ASP B 251 -8.62 -8.69 -27.77
N MET B 252 -8.44 -10.00 -27.62
CA MET B 252 -9.56 -10.91 -27.62
C MET B 252 -10.52 -10.55 -26.48
N PRO B 253 -11.83 -10.50 -26.74
CA PRO B 253 -12.76 -10.13 -25.66
C PRO B 253 -12.75 -11.17 -24.55
N ILE B 254 -13.05 -10.70 -23.34
CA ILE B 254 -13.01 -11.58 -22.17
C ILE B 254 -13.97 -12.75 -22.35
N LYS B 255 -15.12 -12.50 -22.98
CA LYS B 255 -16.08 -13.59 -23.21
C LYS B 255 -15.51 -14.63 -24.17
N ASP B 256 -14.77 -14.19 -25.19
CA ASP B 256 -14.23 -15.12 -26.17
C ASP B 256 -13.02 -15.89 -25.63
N ILE B 257 -12.25 -15.28 -24.73
CA ILE B 257 -11.11 -15.99 -24.13
C ILE B 257 -11.61 -17.24 -23.40
N GLU B 258 -12.68 -17.10 -22.60
CA GLU B 258 -13.31 -18.26 -21.98
C GLU B 258 -13.73 -19.29 -23.02
N ALA B 259 -14.23 -18.82 -24.16
CA ALA B 259 -14.69 -19.74 -25.20
C ALA B 259 -13.54 -20.60 -25.73
N LYS B 260 -12.39 -19.98 -25.96
CA LYS B 260 -11.24 -20.72 -26.54
C LYS B 260 -10.85 -21.86 -25.60
N TYR B 261 -11.05 -21.69 -24.30
CA TYR B 261 -10.56 -22.74 -23.36
C TYR B 261 -11.76 -23.42 -22.68
N GLU B 262 -12.85 -23.59 -23.41
CA GLU B 262 -14.05 -24.26 -22.84
C GLU B 262 -13.86 -25.78 -22.89
N GLY B 263 -12.61 -26.24 -22.89
CA GLY B 263 -12.31 -27.66 -22.83
C GLY B 263 -10.98 -27.96 -22.16
N GLU B 264 -10.34 -26.93 -21.62
CA GLU B 264 -8.99 -27.03 -21.06
C GLU B 264 -8.94 -26.41 -19.66
N GLY B 265 -7.80 -26.58 -19.00
CA GLY B 265 -7.62 -26.08 -17.64
C GLY B 265 -6.45 -25.11 -17.50
N TYR B 266 -6.07 -24.80 -16.25
CA TYR B 266 -5.09 -23.74 -15.99
C TYR B 266 -3.76 -23.97 -16.73
N GLY B 267 -3.34 -25.23 -16.86
CA GLY B 267 -2.04 -25.50 -17.44
C GLY B 267 -1.92 -25.06 -18.89
N LYS B 268 -2.94 -25.39 -19.70
CA LYS B 268 -2.97 -24.94 -21.09
C LYS B 268 -3.12 -23.43 -21.17
N PHE B 269 -3.94 -22.85 -20.29
CA PHE B 269 -4.13 -21.41 -20.28
C PHE B 269 -2.82 -20.69 -19.98
N LYS B 270 -2.26 -20.92 -18.79
CA LYS B 270 -1.05 -20.21 -18.36
C LYS B 270 0.12 -20.48 -19.30
N GLY B 271 0.23 -21.69 -19.85
CA GLY B 271 1.29 -21.97 -20.80
C GLY B 271 1.15 -21.16 -22.09
N ASP B 272 -0.10 -20.96 -22.54
CA ASP B 272 -0.32 -20.09 -23.69
C ASP B 272 -0.11 -18.63 -23.31
N LEU B 273 -0.52 -18.25 -22.09
CA LEU B 273 -0.37 -16.87 -21.65
C LEU B 273 1.10 -16.49 -21.50
N ALA B 274 1.90 -17.37 -20.89
CA ALA B 274 3.34 -17.17 -20.83
C ALA B 274 3.95 -17.03 -22.22
N GLU B 275 3.46 -17.81 -23.18
CA GLU B 275 3.90 -17.65 -24.57
C GLU B 275 3.52 -16.30 -25.14
N ILE B 276 2.29 -15.85 -24.85
CA ILE B 276 1.82 -14.57 -25.35
C ILE B 276 2.62 -13.43 -24.74
N VAL B 277 2.85 -13.47 -23.42
CA VAL B 277 3.66 -12.46 -22.76
C VAL B 277 5.09 -12.49 -23.29
N LYS B 278 5.64 -13.70 -23.47
CA LYS B 278 6.99 -13.82 -23.98
C LYS B 278 7.11 -13.24 -25.39
N ALA B 279 6.20 -13.65 -26.27
CA ALA B 279 6.23 -13.15 -27.65
C ALA B 279 5.99 -11.64 -27.70
N PHE B 280 5.06 -11.13 -26.88
CA PHE B 280 4.81 -9.69 -26.88
C PHE B 280 6.08 -8.93 -26.50
N LEU B 281 6.76 -9.38 -25.44
CA LEU B 281 7.96 -8.70 -25.00
C LEU B 281 9.05 -8.77 -26.04
N VAL B 282 9.19 -9.91 -26.72
CA VAL B 282 10.21 -10.04 -27.77
C VAL B 282 9.96 -9.02 -28.87
N GLU B 283 8.71 -8.93 -29.34
CA GLU B 283 8.39 -7.94 -30.37
C GLU B 283 8.59 -6.52 -29.85
N PHE B 284 8.10 -6.24 -28.64
CA PHE B 284 8.22 -4.89 -28.07
C PHE B 284 9.68 -4.48 -27.93
N GLN B 285 10.49 -5.35 -27.31
CA GLN B 285 11.89 -5.04 -27.08
C GLN B 285 12.67 -4.93 -28.36
N GLU B 286 12.20 -5.54 -29.45
CA GLU B 286 12.83 -5.29 -30.74
C GLU B 286 12.69 -3.83 -31.12
N LYS B 287 11.46 -3.30 -31.11
CA LYS B 287 11.27 -1.90 -31.43
C LYS B 287 11.99 -1.00 -30.43
N TYR B 288 11.94 -1.37 -29.14
CA TYR B 288 12.63 -0.61 -28.12
C TYR B 288 14.13 -0.51 -28.42
N GLU B 289 14.77 -1.65 -28.73
CA GLU B 289 16.20 -1.64 -29.00
C GLU B 289 16.53 -0.84 -30.26
N SER B 290 15.64 -0.84 -31.26
CA SER B 290 15.92 -0.05 -32.45
C SER B 290 15.85 1.44 -32.14
N PHE B 291 14.90 1.87 -31.31
CA PHE B 291 14.84 3.27 -30.93
C PHE B 291 15.96 3.63 -29.97
N TYR B 292 16.16 2.82 -28.94
CA TYR B 292 17.13 3.15 -27.90
C TYR B 292 18.54 3.33 -28.47
N ASN B 293 18.88 2.52 -29.46
CA ASN B 293 20.24 2.50 -30.00
C ASN B 293 20.43 3.33 -31.26
N SER B 294 19.35 3.84 -31.87
CA SER B 294 19.51 4.53 -33.14
C SER B 294 19.91 5.98 -32.94
N ASP B 295 20.59 6.53 -33.96
CA ASP B 295 20.93 7.94 -33.94
C ASP B 295 19.73 8.83 -34.23
N LYS B 296 18.63 8.26 -34.73
CA LYS B 296 17.43 9.05 -34.98
C LYS B 296 16.66 9.37 -33.71
N LEU B 297 16.94 8.66 -32.59
CA LEU B 297 16.28 8.99 -31.34
C LEU B 297 16.56 10.44 -30.93
N ASP B 298 17.82 10.88 -31.04
CA ASP B 298 18.15 12.24 -30.66
C ASP B 298 17.44 13.24 -31.56
N ASP B 299 17.28 12.90 -32.84
CA ASP B 299 16.53 13.78 -33.75
C ASP B 299 15.06 13.84 -33.35
N ILE B 300 14.47 12.70 -32.98
CA ILE B 300 13.07 12.70 -32.57
C ILE B 300 12.87 13.57 -31.33
N LEU B 301 13.78 13.46 -30.36
CA LEU B 301 13.64 14.27 -29.15
C LEU B 301 13.92 15.76 -29.41
N ASP B 302 14.79 16.10 -30.38
CA ASP B 302 14.93 17.49 -30.81
C ASP B 302 13.61 18.01 -31.36
N GLN B 303 12.96 17.20 -32.19
CA GLN B 303 11.73 17.65 -32.84
C GLN B 303 10.63 17.88 -31.80
N GLY B 304 10.57 17.01 -30.78
CA GLY B 304 9.63 17.23 -29.70
C GLY B 304 9.95 18.47 -28.89
N ARG B 305 11.23 18.65 -28.55
CA ARG B 305 11.63 19.82 -27.77
C ARG B 305 11.26 21.10 -28.48
N ASP B 306 11.53 21.16 -29.79
CA ASP B 306 11.24 22.36 -30.56
C ASP B 306 9.74 22.65 -30.59
N LYS B 307 8.95 21.61 -30.86
CA LYS B 307 7.49 21.74 -30.82
C LYS B 307 7.03 22.32 -29.49
N ALA B 308 7.46 21.70 -28.38
CA ALA B 308 6.99 22.11 -27.05
C ALA B 308 7.47 23.52 -26.72
N HIS B 309 8.73 23.83 -27.04
CA HIS B 309 9.23 25.20 -26.85
C HIS B 309 8.33 26.22 -27.55
N LYS B 310 7.92 25.92 -28.79
CA LYS B 310 7.13 26.89 -29.55
C LYS B 310 5.82 27.20 -28.83
N VAL B 311 5.15 26.18 -28.32
CA VAL B 311 3.86 26.40 -27.67
C VAL B 311 4.04 27.06 -26.31
N SER B 312 4.99 26.56 -25.53
CA SER B 312 5.11 27.03 -24.16
C SER B 312 5.75 28.41 -24.09
N PHE B 313 6.57 28.78 -25.09
CA PHE B 313 7.12 30.13 -25.16
C PHE B 313 6.03 31.18 -25.12
N LYS B 314 5.00 31.00 -25.96
CA LYS B 314 3.87 31.92 -25.97
C LYS B 314 3.22 32.06 -24.60
N THR B 315 2.94 30.92 -23.94
CA THR B 315 2.31 30.98 -22.62
C THR B 315 3.21 31.70 -21.62
N VAL B 316 4.51 31.38 -21.62
CA VAL B 316 5.44 32.07 -20.73
C VAL B 316 5.40 33.57 -20.96
N LYS B 317 5.33 33.99 -22.23
CA LYS B 317 5.37 35.43 -22.51
C LYS B 317 4.07 36.11 -22.08
N LYS B 318 2.93 35.46 -22.27
CA LYS B 318 1.70 36.02 -21.74
C LYS B 318 1.78 36.15 -20.23
N MET B 319 2.32 35.13 -19.54
CA MET B 319 2.45 35.22 -18.08
C MET B 319 3.40 36.34 -17.67
N GLU B 320 4.56 36.43 -18.32
CA GLU B 320 5.54 37.46 -17.98
C GLU B 320 4.94 38.85 -18.13
N LYS B 321 4.27 39.12 -19.25
CA LYS B 321 3.64 40.41 -19.45
C LYS B 321 2.60 40.69 -18.38
N ALA B 322 1.79 39.68 -18.03
CA ALA B 322 0.77 39.90 -17.01
C ALA B 322 1.38 40.23 -15.66
N MET B 323 2.50 39.60 -15.31
CA MET B 323 3.15 39.95 -14.06
C MET B 323 4.10 41.14 -14.18
N GLY B 324 4.37 41.64 -15.39
CA GLY B 324 5.29 42.76 -15.50
C GLY B 324 6.76 42.41 -15.41
N LEU B 325 7.12 41.14 -15.58
CA LEU B 325 8.52 40.78 -15.72
C LEU B 325 9.08 41.35 -17.02
N GLY B 326 10.42 41.42 -17.10
CA GLY B 326 11.07 41.79 -18.35
C GLY B 326 10.64 43.17 -18.84
N ARG B 327 10.40 43.26 -20.15
CA ARG B 327 10.17 44.55 -20.83
C ARG B 327 9.07 44.41 -21.87
N LYS B 328 8.43 45.54 -22.16
CA LYS B 328 7.54 45.63 -23.30
C LYS B 328 8.35 45.57 -24.59
N ARG B 329 8.00 44.66 -25.47
CA ARG B 329 8.71 44.55 -26.75
C ARG B 329 7.74 44.31 -27.91
N MET C 1 28.47 -36.26 14.92
CA MET C 1 27.51 -35.27 15.38
C MET C 1 27.85 -33.91 14.80
N GLU C 2 26.86 -33.21 14.26
CA GLU C 2 27.08 -31.87 13.74
C GLU C 2 27.10 -30.85 14.88
N THR C 3 27.80 -29.75 14.64
CA THR C 3 27.93 -28.69 15.66
C THR C 3 27.06 -27.51 15.26
N LEU C 4 26.29 -27.03 16.22
CA LEU C 4 25.43 -25.87 16.08
C LEU C 4 25.92 -24.79 17.03
N PHE C 5 25.97 -23.56 16.53
CA PHE C 5 26.35 -22.41 17.34
C PHE C 5 25.30 -21.34 17.19
N SER C 6 24.80 -20.84 18.31
CA SER C 6 23.87 -19.72 18.31
C SER C 6 24.43 -18.62 19.20
N GLY C 7 24.59 -17.41 18.63
CA GLY C 7 24.98 -16.25 19.42
C GLY C 7 23.73 -15.57 19.93
N ILE C 8 23.71 -15.30 21.24
CA ILE C 8 22.55 -14.76 21.94
C ILE C 8 22.87 -13.33 22.37
N GLN C 9 22.16 -12.36 21.80
CA GLN C 9 22.30 -10.96 22.22
C GLN C 9 21.76 -10.76 23.63
N PRO C 10 22.55 -10.24 24.57
CA PRO C 10 22.03 -9.96 25.91
C PRO C 10 20.78 -9.09 25.94
N SER C 11 20.63 -8.16 25.00
CA SER C 11 19.47 -7.28 25.02
C SER C 11 18.24 -7.88 24.37
N GLY C 12 18.33 -9.06 23.79
CA GLY C 12 17.18 -9.58 23.09
C GLY C 12 16.40 -10.61 23.89
N ILE C 13 15.30 -10.19 24.50
CA ILE C 13 14.43 -11.11 25.23
C ILE C 13 13.64 -11.91 24.20
N PRO C 14 13.81 -13.23 24.16
CA PRO C 14 13.08 -14.02 23.18
C PRO C 14 11.57 -13.95 23.40
N THR C 15 10.82 -14.04 22.29
CA THR C 15 9.36 -14.03 22.32
C THR C 15 8.79 -15.45 22.35
N ILE C 16 7.46 -15.52 22.46
CA ILE C 16 6.78 -16.80 22.29
C ILE C 16 7.04 -17.32 20.88
N GLY C 17 7.24 -16.41 19.92
CA GLY C 17 7.61 -16.82 18.57
C GLY C 17 9.01 -17.42 18.51
N ASN C 18 9.95 -16.86 19.28
CA ASN C 18 11.27 -17.49 19.35
C ASN C 18 11.19 -18.82 20.10
N TYR C 19 10.40 -18.86 21.18
CA TYR C 19 10.25 -20.11 21.92
C TYR C 19 9.71 -21.21 21.03
N ILE C 20 8.59 -20.95 20.35
CA ILE C 20 7.94 -21.94 19.51
C ILE C 20 8.81 -22.29 18.31
N GLY C 21 9.44 -21.28 17.71
CA GLY C 21 10.22 -21.54 16.51
C GLY C 21 11.53 -22.26 16.79
N ALA C 22 12.28 -21.76 17.77
CA ALA C 22 13.66 -22.21 17.97
C ALA C 22 13.90 -22.84 19.34
N LEU C 23 13.57 -22.15 20.44
CA LEU C 23 14.01 -22.63 21.74
C LEU C 23 13.39 -23.99 22.09
N LYS C 24 12.10 -24.16 21.80
CA LYS C 24 11.44 -25.43 22.09
C LYS C 24 12.13 -26.58 21.36
N GLN C 25 12.47 -26.36 20.08
CA GLN C 25 13.12 -27.39 19.28
C GLN C 25 14.56 -27.65 19.73
N PHE C 26 15.30 -26.61 20.14
CA PHE C 26 16.63 -26.82 20.69
C PHE C 26 16.59 -27.78 21.89
N VAL C 27 15.49 -27.78 22.64
CA VAL C 27 15.35 -28.76 23.71
C VAL C 27 15.34 -30.17 23.15
N ASP C 28 14.77 -30.34 21.95
CA ASP C 28 14.86 -31.63 21.25
C ASP C 28 16.27 -31.86 20.73
N VAL C 29 16.79 -30.94 19.91
CA VAL C 29 17.98 -31.23 19.10
C VAL C 29 19.27 -31.18 19.89
N GLN C 30 19.26 -30.73 21.15
CA GLN C 30 20.48 -30.73 21.94
C GLN C 30 20.96 -32.14 22.24
N ASN C 31 20.09 -33.14 22.07
CA ASN C 31 20.49 -34.54 22.16
C ASN C 31 21.21 -35.02 20.90
N ASP C 32 20.88 -34.43 19.75
CA ASP C 32 21.38 -34.89 18.46
C ASP C 32 22.47 -34.02 17.86
N TYR C 33 22.62 -32.78 18.32
CA TYR C 33 23.62 -31.86 17.80
C TYR C 33 24.48 -31.34 18.94
N ASP C 34 25.75 -31.09 18.63
CA ASP C 34 26.66 -30.46 19.58
C ASP C 34 26.36 -28.96 19.55
N CYS C 35 25.64 -28.48 20.57
CA CYS C 35 25.02 -27.15 20.53
C CYS C 35 25.75 -26.17 21.43
N TYR C 36 26.10 -25.02 20.87
CA TYR C 36 26.74 -23.92 21.60
C TYR C 36 25.80 -22.73 21.67
N PHE C 37 25.54 -22.27 22.88
CA PHE C 37 24.69 -21.10 23.12
C PHE C 37 25.54 -20.05 23.81
N CYS C 38 25.86 -19.00 23.09
CA CYS C 38 26.89 -18.05 23.52
C CYS C 38 26.25 -16.68 23.69
N ILE C 39 26.26 -16.18 24.92
CA ILE C 39 25.71 -14.87 25.23
C ILE C 39 26.78 -13.84 24.88
N VAL C 40 26.56 -13.07 23.83
CA VAL C 40 27.64 -12.27 23.20
C VAL C 40 27.67 -10.90 23.87
N ASP C 41 28.23 -10.87 25.08
CA ASP C 41 28.32 -9.58 25.75
C ASP C 41 29.38 -8.70 25.11
N GLN C 42 30.38 -9.28 24.43
CA GLN C 42 31.38 -8.47 23.76
C GLN C 42 30.82 -7.84 22.47
N HIS C 43 29.81 -8.45 21.85
CA HIS C 43 29.11 -7.76 20.77
C HIS C 43 28.18 -6.70 21.30
N ALA C 44 27.62 -6.90 22.51
CA ALA C 44 26.70 -5.91 23.07
C ALA C 44 27.35 -4.55 23.26
N ILE C 45 28.63 -4.50 23.62
CA ILE C 45 29.27 -3.22 23.92
C ILE C 45 29.77 -2.50 22.67
N THR C 46 29.42 -2.97 21.47
CA THR C 46 29.66 -2.15 20.28
C THR C 46 28.74 -0.94 20.25
N MET C 47 27.69 -0.94 21.02
CA MET C 47 27.02 0.28 21.40
C MET C 47 27.28 0.52 22.87
N PRO C 48 27.46 1.78 23.30
CA PRO C 48 27.67 2.05 24.73
C PRO C 48 26.53 1.49 25.57
N GLN C 49 26.89 0.88 26.69
CA GLN C 49 25.97 0.15 27.56
C GLN C 49 26.18 0.58 29.00
N ASP C 50 25.09 0.74 29.73
CA ASP C 50 25.18 0.87 31.18
C ASP C 50 25.62 -0.44 31.81
N ARG C 51 26.61 -0.37 32.71
CA ARG C 51 27.25 -1.59 33.21
C ARG C 51 26.28 -2.48 33.99
N LEU C 52 25.40 -1.89 34.82
CA LEU C 52 24.47 -2.70 35.61
C LEU C 52 23.41 -3.31 34.71
N LYS C 53 22.91 -2.55 33.75
CA LYS C 53 21.91 -3.05 32.83
C LYS C 53 22.44 -4.21 32.00
N LEU C 54 23.70 -4.11 31.55
CA LEU C 54 24.27 -5.19 30.73
C LEU C 54 24.49 -6.46 31.55
N ARG C 55 24.99 -6.32 32.79
CA ARG C 55 25.21 -7.51 33.60
C ARG C 55 23.89 -8.20 33.92
N LYS C 56 22.84 -7.42 34.18
CA LYS C 56 21.49 -7.94 34.36
C LYS C 56 21.03 -8.71 33.14
N GLN C 57 21.15 -8.09 31.95
CA GLN C 57 20.65 -8.69 30.73
C GLN C 57 21.33 -10.03 30.45
N THR C 58 22.65 -10.07 30.67
CA THR C 58 23.39 -11.31 30.50
C THR C 58 22.82 -12.41 31.39
N ARG C 59 22.53 -12.09 32.66
CA ARG C 59 22.00 -13.09 33.59
C ARG C 59 20.58 -13.49 33.20
N GLN C 60 19.77 -12.54 32.72
CA GLN C 60 18.41 -12.84 32.28
C GLN C 60 18.40 -13.81 31.12
N LEU C 61 19.24 -13.57 30.12
CA LEU C 61 19.20 -14.42 28.93
C LEU C 61 19.65 -15.83 29.28
N ALA C 62 20.64 -15.95 30.17
CA ALA C 62 21.06 -17.27 30.62
C ALA C 62 19.91 -18.01 31.29
N ALA C 63 19.23 -17.35 32.22
CA ALA C 63 18.09 -17.93 32.92
C ALA C 63 16.93 -18.19 31.98
N ILE C 64 16.77 -17.38 30.93
CA ILE C 64 15.71 -17.63 29.96
C ILE C 64 15.97 -18.93 29.22
N TYR C 65 17.21 -19.11 28.76
CA TYR C 65 17.55 -20.32 28.01
C TYR C 65 17.45 -21.57 28.88
N LEU C 66 17.86 -21.47 30.16
CA LEU C 66 17.75 -22.61 31.04
C LEU C 66 16.29 -22.95 31.34
N ALA C 67 15.49 -21.92 31.64
CA ALA C 67 14.06 -22.11 31.82
C ALA C 67 13.40 -22.72 30.60
N SER C 68 13.92 -22.43 29.40
CA SER C 68 13.32 -22.97 28.19
C SER C 68 13.61 -24.44 28.00
N GLY C 69 14.56 -25.00 28.76
CA GLY C 69 14.90 -26.40 28.63
C GLY C 69 16.31 -26.68 28.13
N ILE C 70 17.15 -25.66 27.94
CA ILE C 70 18.53 -25.93 27.53
C ILE C 70 19.23 -26.66 28.66
N ASP C 71 19.81 -27.79 28.35
CA ASP C 71 20.45 -28.62 29.37
C ASP C 71 21.94 -28.33 29.36
N PRO C 72 22.51 -27.76 30.42
CA PRO C 72 23.95 -27.41 30.38
C PRO C 72 24.88 -28.61 30.37
N ASP C 73 24.37 -29.82 30.64
CA ASP C 73 25.15 -31.05 30.42
C ASP C 73 25.20 -31.42 28.94
N LYS C 74 24.09 -31.24 28.23
CA LYS C 74 24.00 -31.61 26.83
C LYS C 74 24.50 -30.52 25.90
N ALA C 75 24.12 -29.28 26.18
CA ALA C 75 24.52 -28.11 25.40
C ALA C 75 25.62 -27.36 26.13
N THR C 76 26.22 -26.40 25.42
CA THR C 76 27.22 -25.52 26.03
C THR C 76 26.66 -24.10 26.05
N LEU C 77 26.32 -23.64 27.25
CA LEU C 77 25.77 -22.31 27.47
C LEU C 77 26.79 -21.46 28.21
N PHE C 78 27.25 -20.39 27.57
CA PHE C 78 28.37 -19.63 28.14
C PHE C 78 28.31 -18.17 27.69
N ILE C 79 29.08 -17.36 28.41
CA ILE C 79 29.21 -15.93 28.17
C ILE C 79 30.49 -15.69 27.38
N GLN C 80 30.35 -14.99 26.25
CA GLN C 80 31.44 -14.83 25.28
C GLN C 80 32.71 -14.24 25.90
N SER C 81 32.58 -13.15 26.68
CA SER C 81 33.78 -12.48 27.22
C SER C 81 34.55 -13.35 28.21
N GLU C 82 33.93 -14.40 28.75
CA GLU C 82 34.62 -15.26 29.69
C GLU C 82 35.47 -16.32 28.99
N VAL C 83 35.42 -16.36 27.67
CA VAL C 83 36.22 -17.28 26.87
C VAL C 83 37.14 -16.45 25.98
N PRO C 84 38.43 -16.36 26.34
CA PRO C 84 39.34 -15.43 25.61
C PRO C 84 39.45 -15.69 24.13
N ALA C 85 39.21 -16.93 23.69
CA ALA C 85 39.47 -17.29 22.30
C ALA C 85 38.65 -16.45 21.34
N HIS C 86 37.51 -15.92 21.80
CA HIS C 86 36.65 -15.19 20.87
C HIS C 86 37.34 -13.93 20.35
N VAL C 87 37.93 -13.13 21.24
CA VAL C 87 38.65 -11.96 20.73
C VAL C 87 40.02 -12.32 20.17
N GLN C 88 40.61 -13.44 20.60
CA GLN C 88 41.89 -13.85 20.01
C GLN C 88 41.72 -14.20 18.54
N ALA C 89 40.76 -15.07 18.24
CA ALA C 89 40.50 -15.44 16.86
C ALA C 89 39.85 -14.30 16.09
N GLY C 90 39.03 -13.50 16.75
CA GLY C 90 38.50 -12.32 16.08
C GLY C 90 39.58 -11.35 15.67
N TRP C 91 40.69 -11.29 16.41
CA TRP C 91 41.78 -10.44 15.94
C TRP C 91 42.45 -11.03 14.72
N MET C 92 42.75 -12.33 14.75
CA MET C 92 43.38 -12.95 13.59
C MET C 92 42.52 -12.81 12.35
N LEU C 93 41.19 -12.99 12.47
CA LEU C 93 40.34 -12.86 11.30
C LEU C 93 40.23 -11.42 10.84
N THR C 94 40.22 -10.47 11.77
CA THR C 94 40.25 -9.07 11.39
C THR C 94 41.44 -8.77 10.46
N THR C 95 42.60 -9.39 10.72
CA THR C 95 43.78 -9.05 9.93
C THR C 95 43.68 -9.52 8.48
N ILE C 96 42.88 -10.56 8.21
CA ILE C 96 42.72 -11.00 6.81
C ILE C 96 41.50 -10.39 6.16
N ALA C 97 40.61 -9.78 6.93
CA ALA C 97 39.50 -9.06 6.32
C ALA C 97 40.04 -7.78 5.68
N SER C 98 39.16 -7.10 4.95
CA SER C 98 39.51 -5.83 4.34
C SER C 98 38.57 -4.73 4.82
N VAL C 99 39.05 -3.49 4.78
CA VAL C 99 38.23 -2.37 5.23
C VAL C 99 36.99 -2.24 4.37
N GLY C 100 37.15 -2.38 3.06
CA GLY C 100 36.00 -2.32 2.16
C GLY C 100 34.93 -3.33 2.53
N GLU C 101 35.34 -4.57 2.84
CA GLU C 101 34.37 -5.60 3.21
C GLU C 101 33.55 -5.16 4.42
N LEU C 102 34.23 -4.66 5.45
CA LEU C 102 33.55 -4.24 6.66
C LEU C 102 32.67 -3.03 6.38
N GLU C 103 33.16 -2.09 5.57
CA GLU C 103 32.40 -0.89 5.26
C GLU C 103 31.12 -1.22 4.51
N ARG C 104 31.14 -2.25 3.67
CA ARG C 104 29.95 -2.66 2.92
C ARG C 104 28.94 -3.39 3.78
N MET C 105 29.38 -3.97 4.89
CA MET C 105 28.49 -4.65 5.81
C MET C 105 27.48 -3.69 6.44
N GLU C 117 31.77 12.87 19.66
CA GLU C 117 31.86 11.44 19.34
C GLU C 117 31.17 11.13 18.00
N GLY C 118 31.87 10.37 17.15
CA GLY C 118 31.31 9.93 15.89
C GLY C 118 30.72 8.54 15.98
N ILE C 119 31.16 7.64 15.11
CA ILE C 119 30.60 6.31 14.99
C ILE C 119 31.44 5.35 15.83
N PRO C 120 30.89 4.75 16.87
CA PRO C 120 31.67 3.78 17.66
C PRO C 120 32.24 2.69 16.77
N ALA C 121 33.53 2.40 16.95
CA ALA C 121 34.26 1.66 15.93
C ALA C 121 33.88 0.19 15.91
N GLY C 122 33.37 -0.34 17.02
CA GLY C 122 32.93 -1.72 17.03
C GLY C 122 31.79 -1.96 16.06
N LEU C 123 31.00 -0.92 15.77
CA LEU C 123 29.96 -1.04 14.76
C LEU C 123 30.57 -1.41 13.42
N LEU C 124 31.78 -0.95 13.13
CA LEU C 124 32.44 -1.29 11.87
C LEU C 124 33.16 -2.63 11.97
N THR C 125 33.82 -2.89 13.10
CA THR C 125 34.78 -3.98 13.18
C THR C 125 34.25 -5.24 13.86
N TYR C 126 32.99 -5.29 14.26
CA TYR C 126 32.50 -6.53 14.87
C TYR C 126 32.46 -7.75 13.94
N PRO C 127 32.26 -7.65 12.62
CA PRO C 127 31.95 -8.87 11.83
C PRO C 127 33.02 -9.96 11.92
N PRO C 128 34.32 -9.65 11.94
CA PRO C 128 35.30 -10.75 12.12
C PRO C 128 35.18 -11.43 13.47
N LEU C 129 34.80 -10.68 14.50
CA LEU C 129 34.59 -11.29 15.82
C LEU C 129 33.39 -12.23 15.79
N MET C 130 32.37 -11.90 15.03
CA MET C 130 31.22 -12.80 14.92
C MET C 130 31.59 -14.07 14.18
N ALA C 131 32.37 -13.92 13.10
CA ALA C 131 32.92 -15.08 12.41
C ALA C 131 33.78 -15.91 13.36
N ALA C 132 34.61 -15.26 14.18
CA ALA C 132 35.36 -16.01 15.18
C ALA C 132 34.45 -16.77 16.11
N ASP C 133 33.36 -16.13 16.57
CA ASP C 133 32.45 -16.81 17.48
C ASP C 133 32.06 -18.17 16.93
N ILE C 134 31.74 -18.21 15.64
CA ILE C 134 31.21 -19.40 15.01
C ILE C 134 32.30 -20.44 14.80
N VAL C 135 33.39 -20.06 14.11
CA VAL C 135 34.36 -21.06 13.68
C VAL C 135 35.17 -21.61 14.84
N LEU C 136 35.19 -20.95 16.00
CA LEU C 136 36.01 -21.46 17.10
C LEU C 136 35.60 -22.86 17.51
N TYR C 137 34.36 -23.24 17.21
CA TYR C 137 33.76 -24.50 17.65
C TYR C 137 33.54 -25.45 16.48
N ASN C 138 34.20 -25.19 15.35
CA ASN C 138 34.10 -26.02 14.16
C ASN C 138 32.65 -26.20 13.74
N THR C 139 31.92 -25.08 13.76
CA THR C 139 30.48 -25.08 13.59
C THR C 139 30.09 -25.46 12.17
N ASN C 140 29.11 -26.34 12.07
CA ASN C 140 28.50 -26.66 10.79
C ASN C 140 27.30 -25.77 10.51
N ILE C 141 26.42 -25.58 11.49
CA ILE C 141 25.14 -24.92 11.26
C ILE C 141 24.96 -23.77 12.26
N VAL C 142 24.49 -22.64 11.75
CA VAL C 142 24.07 -21.51 12.57
C VAL C 142 22.60 -21.26 12.29
N PRO C 143 21.72 -21.39 13.26
CA PRO C 143 20.28 -21.13 13.05
C PRO C 143 19.91 -19.64 13.12
N VAL C 144 20.11 -18.92 12.01
CA VAL C 144 19.82 -17.48 11.97
C VAL C 144 18.94 -17.15 10.77
N GLY C 145 18.36 -15.95 10.80
CA GLY C 145 17.45 -15.51 9.78
C GLY C 145 18.14 -14.87 8.59
N ASP C 146 17.32 -14.32 7.69
CA ASP C 146 17.84 -13.70 6.47
C ASP C 146 18.65 -12.44 6.76
N ASP C 147 18.40 -11.77 7.89
CA ASP C 147 19.19 -10.60 8.24
C ASP C 147 20.65 -10.92 8.49
N GLN C 148 20.98 -12.21 8.67
CA GLN C 148 22.34 -12.65 8.93
C GLN C 148 22.99 -13.28 7.71
N LYS C 149 22.38 -13.16 6.52
CA LYS C 149 22.90 -13.79 5.31
C LYS C 149 24.32 -13.33 5.00
N GLN C 150 24.51 -12.04 4.69
CA GLN C 150 25.84 -11.57 4.32
C GLN C 150 26.81 -11.70 5.49
N HIS C 151 26.27 -11.69 6.71
CA HIS C 151 27.06 -11.95 7.90
C HIS C 151 27.72 -13.33 7.85
N ILE C 152 26.91 -14.37 7.60
CA ILE C 152 27.47 -15.72 7.47
C ILE C 152 28.27 -15.83 6.18
N GLU C 153 27.90 -15.06 5.15
CA GLU C 153 28.70 -15.07 3.93
C GLU C 153 30.10 -14.54 4.19
N LEU C 154 30.20 -13.44 4.95
CA LEU C 154 31.52 -12.95 5.32
C LEU C 154 32.28 -13.99 6.12
N THR C 155 31.61 -14.65 7.07
CA THR C 155 32.25 -15.73 7.83
C THR C 155 32.79 -16.79 6.88
N ARG C 156 31.94 -17.24 5.94
CA ARG C 156 32.34 -18.27 4.98
C ARG C 156 33.52 -17.79 4.12
N ASN C 157 33.46 -16.54 3.65
CA ASN C 157 34.55 -16.00 2.85
C ASN C 157 35.84 -15.90 3.65
N LEU C 158 35.76 -15.44 4.90
CA LEU C 158 36.94 -15.39 5.74
C LEU C 158 37.49 -16.78 6.02
N VAL C 159 36.61 -17.78 6.15
CA VAL C 159 37.08 -19.16 6.31
C VAL C 159 37.80 -19.63 5.07
N ASP C 160 37.21 -19.39 3.89
CA ASP C 160 37.86 -19.76 2.63
C ASP C 160 39.18 -19.03 2.47
N ARG C 161 39.18 -17.71 2.71
CA ARG C 161 40.40 -16.92 2.58
C ARG C 161 41.47 -17.40 3.54
N PHE C 162 41.09 -17.66 4.80
CA PHE C 162 42.07 -18.15 5.78
C PHE C 162 42.66 -19.49 5.32
N ASN C 163 41.80 -20.43 4.93
CA ASN C 163 42.25 -21.78 4.60
C ASN C 163 43.20 -21.78 3.40
N SER C 164 42.91 -20.95 2.39
CA SER C 164 43.79 -20.84 1.23
C SER C 164 45.20 -20.45 1.64
N ARG C 165 45.33 -19.36 2.40
CA ARG C 165 46.64 -18.79 2.67
C ARG C 165 47.45 -19.65 3.64
N TYR C 166 46.85 -20.08 4.74
CA TYR C 166 47.68 -20.62 5.80
C TYR C 166 47.66 -22.14 5.87
N ASN C 167 46.49 -22.72 6.15
CA ASN C 167 46.20 -24.13 5.93
C ASN C 167 44.77 -24.39 6.44
N ASP C 168 44.23 -25.55 6.06
CA ASP C 168 42.83 -25.88 6.31
C ASP C 168 42.63 -26.25 7.77
N VAL C 169 42.04 -25.34 8.54
CA VAL C 169 41.81 -25.61 9.96
C VAL C 169 40.40 -25.21 10.37
N LEU C 170 39.70 -24.45 9.53
CA LEU C 170 38.41 -23.88 9.90
C LEU C 170 37.30 -24.45 9.03
N VAL C 171 36.15 -24.68 9.65
CA VAL C 171 34.96 -25.22 8.99
C VAL C 171 34.16 -24.05 8.42
N LYS C 172 33.74 -24.17 7.16
CA LYS C 172 32.72 -23.28 6.62
C LYS C 172 31.39 -23.57 7.30
N PRO C 173 30.73 -22.60 7.92
CA PRO C 173 29.41 -22.87 8.49
C PRO C 173 28.30 -22.54 7.51
N GLU C 174 27.07 -22.81 7.93
CA GLU C 174 25.94 -22.76 7.03
C GLU C 174 24.71 -22.42 7.85
N ILE C 175 23.78 -21.69 7.24
CA ILE C 175 22.54 -21.32 7.92
C ILE C 175 21.54 -22.46 7.78
N ARG C 176 21.07 -22.97 8.92
CA ARG C 176 20.08 -24.03 8.95
C ARG C 176 19.64 -24.21 10.40
N MET C 177 18.36 -24.54 10.58
CA MET C 177 17.77 -24.86 11.87
C MET C 177 17.37 -26.33 11.86
N PRO C 178 17.93 -27.18 12.75
CA PRO C 178 17.71 -28.63 12.63
C PRO C 178 16.26 -29.06 12.59
N LYS C 179 15.47 -28.73 13.62
CA LYS C 179 14.07 -29.13 13.68
C LYS C 179 13.23 -27.86 13.71
N VAL C 180 12.93 -27.33 12.51
CA VAL C 180 12.20 -26.07 12.42
C VAL C 180 10.87 -26.20 13.13
N GLY C 181 10.56 -25.22 13.98
CA GLY C 181 9.29 -25.17 14.68
C GLY C 181 8.23 -24.40 13.91
N GLY C 182 7.07 -24.25 14.55
CA GLY C 182 6.00 -23.48 13.95
C GLY C 182 6.41 -22.03 13.74
N ARG C 183 5.97 -21.45 12.63
CA ARG C 183 6.29 -20.08 12.24
C ARG C 183 5.26 -19.13 12.86
N VAL C 184 5.71 -18.24 13.75
CA VAL C 184 4.84 -17.36 14.51
C VAL C 184 4.92 -15.96 13.92
N MET C 185 3.77 -15.34 13.68
CA MET C 185 3.68 -14.07 12.99
C MET C 185 3.31 -12.95 13.95
N SER C 186 3.59 -11.72 13.51
CA SER C 186 3.24 -10.55 14.30
C SER C 186 1.75 -10.53 14.56
N LEU C 187 1.37 -10.30 15.82
CA LEU C 187 -0.01 -10.45 16.23
C LEU C 187 -0.93 -9.40 15.61
N GLN C 188 -0.38 -8.24 15.23
CA GLN C 188 -1.15 -7.17 14.61
C GLN C 188 -0.67 -6.88 13.19
N ASP C 189 0.13 -7.77 12.61
CA ASP C 189 0.57 -7.65 11.22
C ASP C 189 0.92 -9.05 10.75
N PRO C 190 -0.10 -9.91 10.56
CA PRO C 190 0.13 -11.37 10.45
C PRO C 190 0.97 -11.81 9.26
N THR C 191 1.36 -10.92 8.36
CA THR C 191 2.19 -11.34 7.23
C THR C 191 3.68 -11.23 7.51
N ARG C 192 4.06 -10.66 8.66
CA ARG C 192 5.45 -10.51 9.08
C ARG C 192 5.71 -11.41 10.28
N LYS C 193 6.93 -11.93 10.36
CA LYS C 193 7.31 -12.77 11.49
C LYS C 193 7.32 -11.97 12.79
N MET C 194 6.86 -12.59 13.88
CA MET C 194 6.98 -11.96 15.19
C MET C 194 8.44 -11.62 15.49
N SER C 195 8.68 -10.40 15.97
CA SER C 195 10.04 -9.92 16.17
C SER C 195 10.15 -9.29 17.55
N LYS C 196 11.21 -9.63 18.28
CA LYS C 196 11.33 -9.15 19.65
C LYS C 196 11.59 -7.65 19.71
N SER C 197 12.05 -7.07 18.62
CA SER C 197 12.42 -5.65 18.62
C SER C 197 11.37 -4.79 17.93
N ASP C 198 10.16 -5.31 17.74
CA ASP C 198 9.11 -4.54 17.10
C ASP C 198 8.79 -3.29 17.91
N ASP C 199 8.68 -2.15 17.22
CA ASP C 199 8.23 -0.92 17.87
C ASP C 199 6.78 -1.00 18.35
N ASN C 200 5.99 -1.93 17.81
CA ASN C 200 4.63 -2.18 18.26
C ASN C 200 4.69 -3.39 19.18
N ALA C 201 4.77 -3.14 20.48
CA ALA C 201 4.91 -4.24 21.42
C ALA C 201 3.68 -5.17 21.41
N LYS C 202 2.55 -4.73 20.86
CA LYS C 202 1.41 -5.64 20.70
C LYS C 202 1.65 -6.69 19.62
N ASN C 203 2.72 -6.57 18.83
CA ASN C 203 2.99 -7.58 17.81
C ASN C 203 3.65 -8.83 18.36
N PHE C 204 4.19 -8.77 19.58
CA PHE C 204 4.90 -9.91 20.12
C PHE C 204 4.42 -10.18 21.54
N ILE C 205 4.52 -11.44 21.91
CA ILE C 205 4.38 -11.81 23.32
C ILE C 205 5.77 -12.20 23.81
N SER C 206 6.28 -11.42 24.74
CA SER C 206 7.61 -11.64 25.28
C SER C 206 7.56 -12.73 26.34
N LEU C 207 8.62 -13.55 26.41
CA LEU C 207 8.67 -14.56 27.45
C LEU C 207 8.69 -13.95 28.84
N LEU C 208 9.07 -12.68 28.97
CA LEU C 208 8.97 -11.96 30.23
C LEU C 208 7.83 -10.94 30.27
N ASP C 209 6.90 -11.00 29.31
CA ASP C 209 5.67 -10.24 29.45
C ASP C 209 4.91 -10.71 30.68
N GLU C 210 4.40 -9.74 31.44
CA GLU C 210 3.45 -10.06 32.50
C GLU C 210 2.33 -10.93 31.94
N PRO C 211 1.93 -12.00 32.66
CA PRO C 211 0.96 -12.94 32.05
C PRO C 211 -0.32 -12.29 31.59
N ASN C 212 -0.88 -11.35 32.34
CA ASN C 212 -2.14 -10.73 31.92
C ASN C 212 -1.94 -9.85 30.70
N VAL C 213 -0.78 -9.19 30.59
CA VAL C 213 -0.50 -8.38 29.41
C VAL C 213 -0.49 -9.25 28.17
N ALA C 214 0.17 -10.40 28.25
CA ALA C 214 0.22 -11.28 27.08
C ALA C 214 -1.17 -11.77 26.72
N ALA C 215 -2.02 -12.06 27.72
CA ALA C 215 -3.40 -12.44 27.43
C ALA C 215 -4.11 -11.31 26.68
N LYS C 216 -3.94 -10.07 27.13
CA LYS C 216 -4.54 -8.94 26.40
C LYS C 216 -4.00 -8.86 24.98
N LYS C 217 -2.73 -9.22 24.76
CA LYS C 217 -2.18 -9.18 23.42
C LYS C 217 -2.77 -10.25 22.51
N ILE C 218 -3.13 -11.41 23.06
CA ILE C 218 -3.86 -12.38 22.25
C ILE C 218 -5.18 -11.79 21.80
N LYS C 219 -5.88 -11.09 22.70
CA LYS C 219 -7.19 -10.55 22.37
C LYS C 219 -7.12 -9.28 21.53
N SER C 220 -5.99 -8.58 21.50
CA SER C 220 -5.86 -7.45 20.59
C SER C 220 -5.26 -7.84 19.25
N ALA C 221 -4.96 -9.13 19.05
CA ALA C 221 -4.45 -9.58 17.76
C ALA C 221 -5.45 -9.28 16.65
N VAL C 222 -4.93 -8.90 15.48
CA VAL C 222 -5.78 -8.43 14.40
C VAL C 222 -6.38 -9.62 13.66
N THR C 223 -7.71 -9.75 13.73
CA THR C 223 -8.46 -10.79 13.03
C THR C 223 -9.78 -10.21 12.53
N ASP C 224 -10.52 -11.00 11.74
CA ASP C 224 -11.91 -10.65 11.47
C ASP C 224 -12.71 -10.61 12.77
N SER C 225 -13.86 -9.95 12.71
CA SER C 225 -14.73 -9.87 13.88
C SER C 225 -15.09 -11.25 14.40
N ASP C 226 -15.25 -12.22 13.51
CA ASP C 226 -15.62 -13.56 13.93
C ASP C 226 -15.47 -14.50 12.74
N GLY C 227 -15.59 -15.80 13.01
CA GLY C 227 -15.40 -16.77 11.96
C GLY C 227 -15.16 -18.16 12.52
N ILE C 228 -14.77 -19.04 11.61
CA ILE C 228 -14.50 -20.45 11.87
C ILE C 228 -13.07 -20.61 12.40
N ILE C 229 -12.86 -21.56 13.30
CA ILE C 229 -11.49 -21.89 13.74
C ILE C 229 -10.97 -22.94 12.75
N LYS C 230 -10.51 -22.46 11.61
CA LYS C 230 -9.83 -23.34 10.67
C LYS C 230 -8.51 -22.72 10.25
N PHE C 231 -7.49 -23.56 10.11
CA PHE C 231 -6.17 -23.12 9.65
C PHE C 231 -6.26 -22.79 8.17
N ASP C 232 -6.07 -21.50 7.82
CA ASP C 232 -6.16 -21.03 6.44
C ASP C 232 -5.21 -19.82 6.36
N ARG C 233 -3.98 -20.08 5.94
CA ARG C 233 -2.96 -19.04 5.98
C ARG C 233 -3.27 -17.88 5.03
N ASP C 234 -3.75 -18.19 3.82
CA ASP C 234 -3.84 -17.17 2.79
C ASP C 234 -5.05 -16.24 2.97
N ASN C 235 -6.19 -16.78 3.40
CA ASN C 235 -7.40 -15.97 3.50
C ASN C 235 -7.72 -15.48 4.90
N LYS C 236 -7.24 -16.14 5.96
CA LYS C 236 -7.41 -15.67 7.32
C LYS C 236 -6.08 -15.76 8.06
N PRO C 237 -5.10 -14.93 7.69
CA PRO C 237 -3.79 -15.01 8.38
C PRO C 237 -3.87 -14.82 9.89
N GLY C 238 -4.74 -13.93 10.36
CA GLY C 238 -4.85 -13.66 11.79
C GLY C 238 -5.22 -14.86 12.64
N ILE C 239 -6.40 -15.43 12.40
CA ILE C 239 -6.84 -16.55 13.25
C ILE C 239 -5.90 -17.74 13.05
N THR C 240 -5.35 -17.90 11.86
CA THR C 240 -4.40 -18.98 11.58
C THR C 240 -3.14 -18.85 12.42
N ASN C 241 -2.58 -17.64 12.50
CA ASN C 241 -1.46 -17.37 13.40
C ASN C 241 -1.81 -17.75 14.83
N LEU C 242 -3.02 -17.37 15.27
CA LEU C 242 -3.42 -17.71 16.63
C LEU C 242 -3.48 -19.23 16.82
N ILE C 243 -3.92 -19.96 15.78
CA ILE C 243 -3.95 -21.43 15.89
C ILE C 243 -2.52 -21.97 15.97
N SER C 244 -1.61 -21.39 15.19
CA SER C 244 -0.20 -21.79 15.26
C SER C 244 0.35 -21.63 16.66
N ILE C 245 0.08 -20.48 17.29
CA ILE C 245 0.55 -20.28 18.66
C ILE C 245 -0.08 -21.32 19.58
N TYR C 246 -1.39 -21.52 19.45
CA TYR C 246 -2.07 -22.55 20.23
C TYR C 246 -1.37 -23.90 20.09
N ALA C 247 -1.09 -24.32 18.85
CA ALA C 247 -0.40 -25.58 18.64
C ALA C 247 1.01 -25.56 19.23
N GLY C 248 1.73 -24.44 19.08
CA GLY C 248 3.09 -24.35 19.58
C GLY C 248 3.19 -24.47 21.09
N LEU C 249 2.20 -23.94 21.81
CA LEU C 249 2.23 -23.96 23.27
C LEU C 249 1.54 -25.18 23.89
N THR C 250 0.66 -25.86 23.16
CA THR C 250 0.00 -27.05 23.70
C THR C 250 0.56 -28.35 23.16
N ASP C 251 1.12 -28.32 21.95
CA ASP C 251 1.55 -29.46 21.14
C ASP C 251 0.37 -30.24 20.59
N MET C 252 -0.83 -29.71 20.74
CA MET C 252 -2.00 -30.25 20.07
C MET C 252 -1.82 -30.09 18.56
N PRO C 253 -2.03 -31.15 17.78
CA PRO C 253 -2.01 -30.99 16.31
C PRO C 253 -3.13 -30.06 15.84
N ILE C 254 -2.91 -29.42 14.69
CA ILE C 254 -3.88 -28.44 14.21
C ILE C 254 -5.25 -29.08 13.99
N LYS C 255 -5.27 -30.27 13.36
CA LYS C 255 -6.55 -30.93 13.08
C LYS C 255 -7.33 -31.18 14.35
N ASP C 256 -6.62 -31.48 15.46
CA ASP C 256 -7.29 -31.65 16.75
C ASP C 256 -7.79 -30.32 17.31
N ILE C 257 -7.05 -29.21 17.07
CA ILE C 257 -7.56 -27.90 17.47
C ILE C 257 -8.85 -27.58 16.73
N GLU C 258 -8.85 -27.73 15.40
CA GLU C 258 -10.05 -27.45 14.61
C GLU C 258 -11.22 -28.27 15.10
N ALA C 259 -11.02 -29.59 15.26
CA ALA C 259 -12.09 -30.45 15.78
C ALA C 259 -12.54 -29.99 17.16
N LYS C 260 -11.59 -29.62 18.02
CA LYS C 260 -11.95 -29.18 19.37
C LYS C 260 -12.84 -27.92 19.34
N TYR C 261 -12.68 -27.07 18.34
CA TYR C 261 -13.43 -25.82 18.29
C TYR C 261 -14.53 -25.82 17.23
N GLU C 262 -14.94 -27.00 16.76
CA GLU C 262 -16.01 -27.08 15.79
C GLU C 262 -17.28 -26.44 16.33
N GLY C 263 -17.96 -25.66 15.49
CA GLY C 263 -19.14 -24.96 15.94
C GLY C 263 -18.88 -23.91 17.00
N GLU C 264 -17.66 -23.39 17.08
CA GLU C 264 -17.30 -22.36 18.04
C GLU C 264 -16.70 -21.17 17.30
N GLY C 265 -16.76 -20.00 17.95
CA GLY C 265 -16.34 -18.75 17.36
C GLY C 265 -14.99 -18.22 17.88
N TYR C 266 -14.66 -17.03 17.40
CA TYR C 266 -13.38 -16.39 17.75
C TYR C 266 -13.33 -16.06 19.24
N GLY C 267 -14.45 -15.60 19.79
CA GLY C 267 -14.46 -15.20 21.19
C GLY C 267 -14.09 -16.36 22.11
N LYS C 268 -14.69 -17.52 21.88
CA LYS C 268 -14.39 -18.71 22.67
C LYS C 268 -12.93 -19.13 22.48
N PHE C 269 -12.48 -19.23 21.23
CA PHE C 269 -11.12 -19.67 20.95
C PHE C 269 -10.08 -18.73 21.57
N LYS C 270 -10.19 -17.43 21.30
CA LYS C 270 -9.20 -16.49 21.83
C LYS C 270 -9.24 -16.44 23.35
N GLY C 271 -10.43 -16.65 23.93
CA GLY C 271 -10.53 -16.73 25.37
C GLY C 271 -9.72 -17.88 25.93
N ASP C 272 -9.83 -19.06 25.30
CA ASP C 272 -9.03 -20.21 25.72
C ASP C 272 -7.54 -19.95 25.49
N LEU C 273 -7.18 -19.52 24.28
CA LEU C 273 -5.78 -19.29 23.94
C LEU C 273 -5.13 -18.29 24.89
N ALA C 274 -5.86 -17.27 25.33
CA ALA C 274 -5.31 -16.30 26.26
C ALA C 274 -4.95 -16.97 27.59
N GLU C 275 -5.83 -17.84 28.10
CA GLU C 275 -5.55 -18.55 29.35
C GLU C 275 -4.42 -19.56 29.17
N ILE C 276 -4.32 -20.16 27.99
CA ILE C 276 -3.18 -21.01 27.68
C ILE C 276 -1.90 -20.18 27.68
N VAL C 277 -1.93 -19.03 27.01
CA VAL C 277 -0.74 -18.18 26.99
C VAL C 277 -0.39 -17.77 28.41
N LYS C 278 -1.41 -17.39 29.19
CA LYS C 278 -1.17 -16.89 30.54
C LYS C 278 -0.57 -17.98 31.44
N ALA C 279 -1.15 -19.19 31.41
CA ALA C 279 -0.63 -20.25 32.26
C ALA C 279 0.79 -20.63 31.86
N PHE C 280 1.04 -20.72 30.55
CA PHE C 280 2.39 -21.01 30.08
C PHE C 280 3.41 -20.01 30.65
N LEU C 281 3.10 -18.71 30.54
CA LEU C 281 4.05 -17.70 30.99
C LEU C 281 4.16 -17.68 32.51
N VAL C 282 3.07 -18.00 33.23
CA VAL C 282 3.17 -18.13 34.67
C VAL C 282 4.17 -19.22 35.02
N GLU C 283 4.10 -20.36 34.31
CA GLU C 283 5.00 -21.47 34.56
C GLU C 283 6.42 -21.15 34.12
N PHE C 284 6.58 -20.63 32.90
CA PHE C 284 7.91 -20.31 32.40
C PHE C 284 8.61 -19.35 33.33
N GLN C 285 7.91 -18.35 33.83
CA GLN C 285 8.58 -17.36 34.65
C GLN C 285 8.88 -17.87 36.05
N GLU C 286 8.15 -18.89 36.52
CA GLU C 286 8.54 -19.53 37.76
C GLU C 286 9.86 -20.28 37.59
N LYS C 287 10.01 -21.03 36.49
CA LYS C 287 11.29 -21.67 36.21
C LYS C 287 12.37 -20.61 36.02
N TYR C 288 12.04 -19.55 35.29
CA TYR C 288 13.01 -18.48 35.04
C TYR C 288 13.51 -17.88 36.35
N GLU C 289 12.61 -17.67 37.32
CA GLU C 289 13.01 -17.03 38.57
C GLU C 289 13.90 -17.95 39.42
N SER C 290 13.63 -19.26 39.39
CA SER C 290 14.45 -20.19 40.17
C SER C 290 15.88 -20.24 39.66
N PHE C 291 16.08 -20.04 38.36
CA PHE C 291 17.44 -19.92 37.84
C PHE C 291 18.01 -18.53 38.11
N TYR C 292 17.20 -17.50 37.88
CA TYR C 292 17.70 -16.13 37.84
C TYR C 292 18.09 -15.65 39.23
N ASN C 293 17.36 -16.06 40.27
CA ASN C 293 17.60 -15.56 41.61
C ASN C 293 18.34 -16.55 42.50
N SER C 294 18.97 -17.58 41.91
CA SER C 294 19.72 -18.57 42.67
C SER C 294 21.18 -18.63 42.23
N ASP C 295 22.05 -19.02 43.18
CA ASP C 295 23.49 -19.09 42.90
C ASP C 295 23.84 -20.19 41.91
N LYS C 296 22.93 -21.13 41.66
CA LYS C 296 23.22 -22.19 40.72
C LYS C 296 23.39 -21.67 39.29
N LEU C 297 22.84 -20.48 39.01
CA LEU C 297 23.09 -19.86 37.71
C LEU C 297 24.59 -19.64 37.49
N ASP C 298 25.29 -19.20 38.53
CA ASP C 298 26.71 -18.96 38.37
C ASP C 298 27.48 -20.26 38.20
N ASP C 299 27.05 -21.33 38.90
CA ASP C 299 27.69 -22.62 38.70
C ASP C 299 27.51 -23.12 37.27
N ILE C 300 26.31 -22.96 36.71
CA ILE C 300 26.05 -23.46 35.36
C ILE C 300 26.87 -22.70 34.33
N LEU C 301 26.93 -21.38 34.45
CA LEU C 301 27.70 -20.59 33.50
C LEU C 301 29.20 -20.89 33.62
N ASP C 302 29.69 -21.13 34.85
CA ASP C 302 31.06 -21.59 35.02
C ASP C 302 31.30 -22.88 34.23
N GLN C 303 30.39 -23.84 34.36
CA GLN C 303 30.51 -25.10 33.63
C GLN C 303 30.55 -24.86 32.12
N GLY C 304 29.63 -24.05 31.61
CA GLY C 304 29.63 -23.78 30.18
C GLY C 304 30.91 -23.10 29.73
N ARG C 305 31.43 -22.18 30.54
CA ARG C 305 32.66 -21.47 30.18
C ARG C 305 33.82 -22.46 30.02
N ASP C 306 34.05 -23.29 31.03
CA ASP C 306 35.12 -24.29 30.97
C ASP C 306 34.97 -25.18 29.74
N LYS C 307 33.74 -25.61 29.43
CA LYS C 307 33.51 -26.44 28.24
C LYS C 307 33.89 -25.70 26.96
N ALA C 308 33.35 -24.49 26.78
CA ALA C 308 33.65 -23.68 25.60
C ALA C 308 35.14 -23.37 25.49
N HIS C 309 35.78 -23.04 26.61
CA HIS C 309 37.20 -22.71 26.60
C HIS C 309 38.04 -23.91 26.15
N LYS C 310 37.70 -25.10 26.61
CA LYS C 310 38.43 -26.30 26.19
C LYS C 310 38.44 -26.44 24.68
N VAL C 311 37.29 -26.30 24.03
CA VAL C 311 37.20 -26.47 22.59
C VAL C 311 37.83 -25.30 21.85
N SER C 312 37.41 -24.07 22.16
CA SER C 312 37.92 -22.90 21.45
C SER C 312 39.43 -22.76 21.58
N PHE C 313 39.98 -23.10 22.76
CA PHE C 313 41.42 -22.98 22.96
C PHE C 313 42.19 -23.78 21.91
N LYS C 314 41.69 -24.98 21.58
CA LYS C 314 42.35 -25.80 20.56
C LYS C 314 42.26 -25.17 19.18
N THR C 315 41.10 -24.61 18.82
CA THR C 315 41.01 -23.95 17.52
C THR C 315 41.95 -22.75 17.44
N VAL C 316 42.07 -21.97 18.51
CA VAL C 316 42.97 -20.80 18.49
C VAL C 316 44.41 -21.26 18.25
N LYS C 317 44.86 -22.28 18.99
CA LYS C 317 46.24 -22.72 18.88
C LYS C 317 46.56 -23.20 17.48
N LYS C 318 45.62 -23.88 16.84
CA LYS C 318 45.80 -24.25 15.44
C LYS C 318 45.84 -23.03 14.54
N MET C 319 45.01 -22.03 14.82
CA MET C 319 45.05 -20.81 14.03
C MET C 319 46.40 -20.08 14.23
N GLU C 320 46.92 -20.08 15.44
CA GLU C 320 48.16 -19.36 15.72
C GLU C 320 49.34 -20.04 15.04
N LYS C 321 49.38 -21.39 15.09
CA LYS C 321 50.42 -22.11 14.35
C LYS C 321 50.30 -21.83 12.86
N ALA C 322 49.07 -21.76 12.35
CA ALA C 322 48.84 -21.53 10.93
C ALA C 322 49.34 -20.17 10.47
N MET C 323 49.29 -19.14 11.32
CA MET C 323 49.74 -17.81 10.91
C MET C 323 51.13 -17.46 11.42
N GLY C 324 51.69 -18.26 12.31
CA GLY C 324 53.01 -17.97 12.84
C GLY C 324 53.04 -17.15 14.10
N LEU C 325 51.92 -17.02 14.81
CA LEU C 325 51.94 -16.37 16.12
C LEU C 325 52.52 -17.32 17.15
N GLY C 326 52.95 -16.73 18.27
CA GLY C 326 53.39 -17.49 19.41
C GLY C 326 54.69 -18.26 19.17
N ARG C 327 54.84 -19.36 19.91
CA ARG C 327 55.97 -20.28 19.80
C ARG C 327 55.47 -21.69 19.49
N LYS C 328 56.44 -22.60 19.37
CA LYS C 328 56.15 -23.99 19.00
C LYS C 328 55.91 -24.88 20.22
N ARG C 329 56.90 -24.97 21.11
CA ARG C 329 56.82 -25.93 22.21
C ARG C 329 57.75 -25.50 23.34
N HIS C 330 57.18 -25.17 24.49
CA HIS C 330 57.93 -24.65 25.63
C HIS C 330 58.56 -25.77 26.46
#